data_4Y91
#
_entry.id   4Y91
#
_cell.length_a   39.080
_cell.length_b   133.500
_cell.length_c   206.180
_cell.angle_alpha   90.000
_cell.angle_beta   90.000
_cell.angle_gamma   90.000
#
_symmetry.space_group_name_H-M   'P 21 21 21'
#
loop_
_entity.id
_entity.type
_entity.pdbx_description
1 polymer 'RNA-binding protein Hfq'
2 polymer "RNA (5'-R(P*UP*UP*UP*UP*UP*U)-3')"
3 water water
#
loop_
_entity_poly.entity_id
_entity_poly.type
_entity_poly.pdbx_seq_one_letter_code
_entity_poly.pdbx_strand_id
1 'polypeptide(L)'
;GSHMALAEKFNLQDRFLNHLRVNKIEVKVYLVNGFQTKGFIRSFDSYTVLLESGNQQSLIYKHAISTIIPSSYVMLMPKK
QETAQEAETSENEGS
;
A,B,C,D,E,F,G,H,I,J,K,L
2 'polyribonucleotide' UUUUUU N,O
#
loop_
_chem_comp.id
_chem_comp.type
_chem_comp.name
_chem_comp.formula
U RNA linking URIDINE-5'-MONOPHOSPHATE 'C9 H13 N2 O9 P'
#
# COMPACT_ATOMS: atom_id res chain seq x y z
N PHE A 10 9.06 -26.29 -7.78
CA PHE A 10 9.00 -25.64 -6.47
C PHE A 10 9.78 -24.33 -6.45
N ASN A 11 9.11 -23.21 -6.23
CA ASN A 11 9.78 -21.92 -6.34
C ASN A 11 9.76 -21.16 -5.02
N LEU A 12 10.79 -21.38 -4.21
CA LEU A 12 10.87 -20.70 -2.91
C LEU A 12 10.77 -19.17 -3.05
N GLN A 13 11.38 -18.58 -4.08
CA GLN A 13 11.54 -17.13 -4.04
C GLN A 13 10.22 -16.44 -4.33
N ASP A 14 9.52 -16.86 -5.38
CA ASP A 14 8.30 -16.17 -5.78
C ASP A 14 7.17 -16.48 -4.82
N ARG A 15 7.15 -17.67 -4.22
CA ARG A 15 6.11 -17.95 -3.24
C ARG A 15 6.32 -17.13 -1.97
N PHE A 16 7.57 -17.00 -1.52
CA PHE A 16 7.86 -16.17 -0.36
C PHE A 16 7.55 -14.70 -0.65
N LEU A 17 7.97 -14.21 -1.81
CA LEU A 17 7.70 -12.82 -2.15
C LEU A 17 6.20 -12.60 -2.34
N ASN A 18 5.51 -13.55 -2.97
CA ASN A 18 4.09 -13.38 -3.18
C ASN A 18 3.33 -13.43 -1.87
N HIS A 19 3.76 -14.28 -0.94
CA HIS A 19 3.16 -14.26 0.38
C HIS A 19 3.32 -12.89 1.03
N LEU A 20 4.54 -12.35 1.02
CA LEU A 20 4.74 -11.01 1.55
C LEU A 20 3.84 -10.00 0.87
N ARG A 21 3.66 -10.14 -0.45
CA ARG A 21 2.93 -9.14 -1.22
C ARG A 21 1.46 -9.07 -0.80
N VAL A 22 0.81 -10.23 -0.66
CA VAL A 22 -0.64 -10.32 -0.59
C VAL A 22 -1.18 -10.45 0.83
N ASN A 23 -0.32 -10.68 1.81
CA ASN A 23 -0.66 -10.49 3.22
C ASN A 23 -0.11 -9.18 3.75
N LYS A 24 0.46 -8.37 2.87
CA LYS A 24 1.04 -7.07 3.23
C LYS A 24 1.88 -7.16 4.51
N ILE A 25 2.85 -8.07 4.52
CA ILE A 25 3.89 -8.07 5.55
C ILE A 25 4.94 -7.02 5.23
N GLU A 26 5.32 -6.26 6.25
CA GLU A 26 6.44 -5.35 6.12
C GLU A 26 7.76 -6.13 6.11
N VAL A 27 8.73 -5.68 5.32
CA VAL A 27 10.05 -6.32 5.28
C VAL A 27 11.15 -5.30 5.50
N LYS A 28 12.29 -5.76 6.01
CA LYS A 28 13.53 -4.99 5.95
C LYS A 28 14.35 -5.63 4.85
N VAL A 29 14.75 -4.83 3.87
CA VAL A 29 15.51 -5.31 2.71
C VAL A 29 16.93 -4.84 2.91
N TYR A 30 17.88 -5.78 2.88
CA TYR A 30 19.28 -5.47 3.09
C TYR A 30 20.01 -5.51 1.77
N LEU A 31 20.76 -4.45 1.49
CA LEU A 31 21.48 -4.32 0.24
C LEU A 31 22.92 -4.81 0.40
N VAL A 32 23.52 -5.28 -0.71
CA VAL A 32 24.90 -5.74 -0.62
C VAL A 32 25.84 -4.62 -0.24
N ASN A 33 25.49 -3.36 -0.52
CA ASN A 33 26.40 -2.28 -0.13
C ASN A 33 26.21 -1.81 1.31
N GLY A 34 25.45 -2.54 2.12
CA GLY A 34 25.30 -2.18 3.53
C GLY A 34 24.17 -1.21 3.86
N PHE A 35 23.47 -0.68 2.88
CA PHE A 35 22.29 0.09 3.22
C PHE A 35 21.13 -0.86 3.51
N GLN A 36 20.04 -0.28 4.01
CA GLN A 36 18.84 -1.04 4.35
C GLN A 36 17.63 -0.18 4.06
N THR A 37 16.47 -0.79 4.09
CA THR A 37 15.28 -0.10 3.61
C THR A 37 14.08 -0.94 4.02
N LYS A 38 13.04 -0.30 4.52
CA LYS A 38 11.88 -0.97 5.09
C LYS A 38 10.64 -0.56 4.33
N GLY A 39 9.82 -1.53 3.94
CA GLY A 39 8.59 -1.22 3.26
C GLY A 39 7.78 -2.46 2.99
N PHE A 40 6.84 -2.33 2.07
CA PHE A 40 5.98 -3.43 1.68
C PHE A 40 6.24 -3.73 0.21
N ILE A 41 6.22 -5.00 -0.14
CA ILE A 41 6.39 -5.37 -1.53
C ILE A 41 5.11 -5.05 -2.28
N ARG A 42 5.10 -3.96 -3.03
CA ARG A 42 3.98 -3.73 -3.90
C ARG A 42 3.97 -4.74 -5.05
N SER A 43 5.14 -5.12 -5.54
CA SER A 43 5.17 -5.90 -6.78
C SER A 43 6.58 -6.39 -7.05
N PHE A 44 6.70 -7.41 -7.93
CA PHE A 44 8.01 -7.90 -8.36
C PHE A 44 7.93 -8.69 -9.66
N ASP A 45 9.03 -8.62 -10.42
CA ASP A 45 9.28 -9.53 -11.54
C ASP A 45 10.64 -10.20 -11.34
N SER A 46 11.25 -10.68 -12.42
CA SER A 46 12.41 -11.56 -12.27
C SER A 46 13.65 -10.81 -11.80
N TYR A 47 13.76 -9.53 -12.13
CA TYR A 47 14.95 -8.77 -11.84
C TYR A 47 14.78 -7.70 -10.79
N THR A 48 13.54 -7.32 -10.44
CA THR A 48 13.36 -6.16 -9.58
C THR A 48 12.21 -6.38 -8.63
N VAL A 49 12.20 -5.55 -7.60
CA VAL A 49 11.15 -5.53 -6.57
C VAL A 49 10.73 -4.08 -6.35
N LEU A 50 9.42 -3.84 -6.31
CA LEU A 50 8.91 -2.49 -6.03
C LEU A 50 8.51 -2.44 -4.57
N LEU A 51 9.23 -1.66 -3.78
CA LEU A 51 9.07 -1.58 -2.34
C LEU A 51 8.43 -0.23 -2.00
N GLU A 52 7.25 -0.28 -1.39
CA GLU A 52 6.47 0.92 -1.12
C GLU A 52 6.36 1.16 0.38
N SER A 53 6.44 2.43 0.74
CA SER A 53 6.27 2.88 2.12
C SER A 53 5.61 4.26 2.08
N GLY A 54 4.34 4.34 2.45
CA GLY A 54 3.61 5.59 2.30
C GLY A 54 3.45 5.86 0.82
N ASN A 55 3.74 7.09 0.42
CA ASN A 55 3.73 7.41 -1.00
C ASN A 55 5.12 7.29 -1.62
N GLN A 56 6.12 6.83 -0.86
CA GLN A 56 7.45 6.55 -1.38
C GLN A 56 7.48 5.22 -2.13
N GLN A 57 8.22 5.18 -3.23
CA GLN A 57 8.43 3.95 -3.99
C GLN A 57 9.90 3.80 -4.29
N SER A 58 10.38 2.57 -4.24
CA SER A 58 11.74 2.25 -4.61
C SER A 58 11.69 1.07 -5.57
N LEU A 59 12.21 1.25 -6.77
CA LEU A 59 12.56 0.10 -7.59
C LEU A 59 13.94 -0.42 -7.16
N ILE A 60 13.96 -1.62 -6.57
CA ILE A 60 15.21 -2.26 -6.15
C ILE A 60 15.59 -3.38 -7.12
N TYR A 61 16.85 -3.41 -7.52
CA TYR A 61 17.33 -4.48 -8.37
C TYR A 61 17.68 -5.64 -7.46
N LYS A 62 17.12 -6.83 -7.76
CA LYS A 62 17.42 -8.00 -6.94
C LYS A 62 18.91 -8.26 -6.84
N HIS A 63 19.71 -7.85 -7.84
CA HIS A 63 21.14 -8.15 -7.71
C HIS A 63 21.81 -7.29 -6.68
N ALA A 64 21.12 -6.35 -6.08
CA ALA A 64 21.66 -5.53 -5.02
C ALA A 64 21.14 -5.94 -3.66
N ILE A 65 20.21 -6.90 -3.61
CA ILE A 65 19.64 -7.34 -2.35
C ILE A 65 20.52 -8.44 -1.78
N SER A 66 20.87 -8.32 -0.50
CA SER A 66 21.48 -9.49 0.13
C SER A 66 20.44 -10.31 0.89
N THR A 67 19.48 -9.65 1.53
CA THR A 67 18.52 -10.34 2.38
C THR A 67 17.22 -9.57 2.45
N ILE A 68 16.15 -10.32 2.60
CA ILE A 68 14.84 -9.80 2.94
C ILE A 68 14.47 -10.41 4.29
N ILE A 69 14.24 -9.58 5.30
CA ILE A 69 13.79 -10.12 6.58
C ILE A 69 12.39 -9.65 6.94
N PRO A 70 11.40 -10.54 6.92
CA PRO A 70 10.03 -10.13 7.23
C PRO A 70 9.85 -9.95 8.73
N SER A 71 9.09 -8.91 9.10
CA SER A 71 8.76 -8.56 10.48
C SER A 71 7.67 -9.44 11.08
N SER A 72 7.09 -10.33 10.30
CA SER A 72 6.14 -11.33 10.74
C SER A 72 6.66 -12.69 10.26
N TYR A 73 5.94 -13.77 10.58
CA TYR A 73 6.33 -15.10 10.15
C TYR A 73 5.50 -15.53 8.93
N VAL A 74 6.06 -16.41 8.08
CA VAL A 74 5.47 -16.61 6.75
C VAL A 74 4.57 -17.86 6.60
N MET A 75 5.14 -19.07 6.57
CA MET A 75 4.44 -20.27 6.01
C MET A 75 4.10 -20.10 4.52
N ASN B 11 5.55 -7.20 -17.51
CA ASN B 11 6.56 -7.25 -16.45
C ASN B 11 6.89 -5.89 -15.85
N LEU B 12 7.31 -5.91 -14.59
CA LEU B 12 7.37 -4.71 -13.77
C LEU B 12 8.49 -3.75 -14.18
N GLN B 13 9.71 -4.25 -14.38
CA GLN B 13 10.84 -3.32 -14.52
C GLN B 13 10.65 -2.38 -15.71
N ASP B 14 10.22 -2.90 -16.86
CA ASP B 14 10.24 -2.03 -18.01
C ASP B 14 8.98 -1.18 -18.14
N ARG B 15 7.80 -1.73 -17.77
CA ARG B 15 6.63 -0.87 -17.56
C ARG B 15 6.99 0.32 -16.67
N PHE B 16 7.72 0.06 -15.57
CA PHE B 16 8.08 1.14 -14.63
C PHE B 16 9.04 2.13 -15.27
N LEU B 17 10.16 1.63 -15.82
CA LEU B 17 11.16 2.50 -16.43
C LEU B 17 10.55 3.35 -17.53
N ASN B 18 9.76 2.71 -18.40
CA ASN B 18 9.21 3.46 -19.52
C ASN B 18 8.15 4.46 -19.07
N HIS B 19 7.44 4.15 -17.99
CA HIS B 19 6.51 5.14 -17.45
C HIS B 19 7.26 6.39 -16.96
N LEU B 20 8.41 6.21 -16.33
CA LEU B 20 9.24 7.35 -15.93
C LEU B 20 9.95 8.02 -17.10
N ARG B 21 10.16 7.31 -18.21
CA ARG B 21 10.81 7.92 -19.36
C ARG B 21 9.86 8.89 -20.04
N VAL B 22 8.66 8.42 -20.36
CA VAL B 22 7.67 9.21 -21.07
C VAL B 22 7.22 10.40 -20.23
N ASN B 23 6.62 10.16 -19.11
CA ASN B 23 6.17 11.22 -18.22
C ASN B 23 7.20 12.23 -17.78
N LYS B 24 8.46 11.95 -17.99
CA LYS B 24 9.58 12.84 -17.66
C LYS B 24 9.61 13.08 -16.15
N ILE B 25 9.52 12.00 -15.39
CA ILE B 25 9.57 12.07 -13.93
C ILE B 25 11.02 11.96 -13.47
N GLU B 26 11.48 12.95 -12.73
CA GLU B 26 12.82 12.91 -12.16
C GLU B 26 12.98 11.72 -11.22
N VAL B 27 14.17 11.10 -11.27
CA VAL B 27 14.52 9.97 -10.40
C VAL B 27 15.89 10.19 -9.76
N LYS B 28 16.03 9.74 -8.51
CA LYS B 28 17.32 9.48 -7.89
C LYS B 28 17.72 8.01 -8.14
N VAL B 29 18.97 7.82 -8.52
CA VAL B 29 19.52 6.52 -8.82
C VAL B 29 20.59 6.26 -7.79
N TYR B 30 20.42 5.20 -6.99
CA TYR B 30 21.40 4.78 -5.99
C TYR B 30 22.23 3.66 -6.58
N LEU B 31 23.56 3.83 -6.57
CA LEU B 31 24.46 2.85 -7.18
C LEU B 31 24.97 1.84 -6.15
N VAL B 32 25.33 0.64 -6.63
CA VAL B 32 25.87 -0.39 -5.72
C VAL B 32 27.07 0.15 -4.97
N ASN B 33 27.88 1.00 -5.61
CA ASN B 33 29.04 1.56 -4.96
C ASN B 33 28.71 2.64 -3.94
N GLY B 34 27.44 2.99 -3.75
CA GLY B 34 27.07 3.99 -2.77
C GLY B 34 26.94 5.40 -3.31
N PHE B 35 27.32 5.65 -4.57
CA PHE B 35 27.09 6.97 -5.13
C PHE B 35 25.61 7.10 -5.52
N GLN B 36 25.20 8.33 -5.82
CA GLN B 36 23.83 8.55 -6.20
C GLN B 36 23.76 9.64 -7.25
N THR B 37 23.14 9.33 -8.37
CA THR B 37 22.85 10.31 -9.40
C THR B 37 21.38 10.70 -9.30
N LYS B 38 21.05 11.84 -9.90
CA LYS B 38 19.68 12.29 -10.00
C LYS B 38 19.46 12.76 -11.43
N GLY B 39 18.33 12.42 -12.03
CA GLY B 39 18.08 12.93 -13.38
C GLY B 39 16.80 12.42 -14.00
N PHE B 40 16.82 12.34 -15.34
CA PHE B 40 15.69 11.88 -16.14
C PHE B 40 16.14 10.73 -17.01
N ILE B 41 15.37 9.65 -17.01
CA ILE B 41 15.66 8.51 -17.87
C ILE B 41 15.30 8.88 -19.31
N ARG B 42 16.31 9.18 -20.14
CA ARG B 42 16.01 9.47 -21.54
C ARG B 42 15.70 8.19 -22.31
N SER B 43 16.42 7.11 -22.04
CA SER B 43 15.98 5.79 -22.50
C SER B 43 16.81 4.72 -21.78
N PHE B 44 16.67 3.48 -22.25
CA PHE B 44 17.25 2.32 -21.61
C PHE B 44 17.07 1.12 -22.53
N ASP B 45 17.98 0.16 -22.40
CA ASP B 45 17.92 -1.14 -23.04
C ASP B 45 18.04 -2.22 -21.99
N SER B 46 18.38 -3.44 -22.40
CA SER B 46 18.37 -4.55 -21.45
C SER B 46 19.50 -4.46 -20.46
N TYR B 47 20.57 -3.72 -20.76
CA TYR B 47 21.70 -3.66 -19.85
C TYR B 47 22.02 -2.29 -19.26
N THR B 48 21.58 -1.18 -19.87
CA THR B 48 21.95 0.14 -19.38
C THR B 48 20.74 1.07 -19.30
N VAL B 49 20.96 2.19 -18.60
CA VAL B 49 19.99 3.26 -18.47
C VAL B 49 20.70 4.57 -18.84
N LEU B 50 20.14 5.29 -19.82
CA LEU B 50 20.71 6.58 -20.19
C LEU B 50 20.01 7.65 -19.35
N LEU B 51 20.77 8.27 -18.47
CA LEU B 51 20.26 9.17 -17.46
C LEU B 51 20.76 10.58 -17.73
N GLU B 52 19.85 11.56 -17.71
CA GLU B 52 20.23 12.91 -18.13
C GLU B 52 19.64 13.98 -17.23
N SER B 53 20.46 15.00 -16.90
CA SER B 53 20.02 16.18 -16.14
C SER B 53 20.80 17.42 -16.60
N GLY B 54 20.19 18.23 -17.45
CA GLY B 54 20.88 19.39 -17.97
C GLY B 54 21.63 19.00 -19.21
N ASN B 55 22.87 19.50 -19.37
CA ASN B 55 23.73 18.98 -20.43
C ASN B 55 24.27 17.58 -20.08
N GLN B 56 24.33 17.23 -18.79
CA GLN B 56 25.03 16.04 -18.33
C GLN B 56 24.34 14.73 -18.73
N GLN B 57 25.13 13.77 -19.19
CA GLN B 57 24.61 12.51 -19.75
C GLN B 57 25.36 11.35 -19.12
N SER B 58 24.68 10.58 -18.27
CA SER B 58 25.28 9.38 -17.68
C SER B 58 24.73 8.17 -18.40
N LEU B 59 25.63 7.35 -18.97
CA LEU B 59 25.26 5.98 -19.29
C LEU B 59 25.60 5.08 -18.10
N ILE B 60 24.58 4.38 -17.59
CA ILE B 60 24.65 3.68 -16.31
C ILE B 60 24.31 2.22 -16.55
N TYR B 61 25.13 1.32 -16.03
CA TYR B 61 24.89 -0.11 -16.21
C TYR B 61 23.95 -0.57 -15.12
N LYS B 62 22.91 -1.32 -15.51
CA LYS B 62 21.93 -1.81 -14.56
C LYS B 62 22.57 -2.69 -13.48
N HIS B 63 23.61 -3.46 -13.84
CA HIS B 63 24.28 -4.20 -12.77
C HIS B 63 24.91 -3.28 -11.73
N ALA B 64 25.03 -1.99 -12.02
CA ALA B 64 25.59 -1.06 -11.07
C ALA B 64 24.55 -0.37 -10.23
N ILE B 65 23.27 -0.48 -10.61
CA ILE B 65 22.19 0.24 -9.95
C ILE B 65 21.67 -0.60 -8.79
N SER B 66 21.46 0.01 -7.63
CA SER B 66 20.71 -0.68 -6.59
C SER B 66 19.24 -0.30 -6.57
N THR B 67 18.95 1.00 -6.61
CA THR B 67 17.60 1.50 -6.40
C THR B 67 17.34 2.74 -7.25
N ILE B 68 16.11 2.82 -7.77
CA ILE B 68 15.60 3.99 -8.48
C ILE B 68 14.42 4.52 -7.68
N ILE B 69 14.43 5.81 -7.39
CA ILE B 69 13.44 6.38 -6.48
C ILE B 69 12.76 7.59 -7.11
N PRO B 70 11.53 7.45 -7.59
CA PRO B 70 10.90 8.55 -8.34
C PRO B 70 10.67 9.80 -7.49
N SER B 71 10.40 10.91 -8.21
CA SER B 71 9.97 12.19 -7.63
C SER B 71 8.48 12.20 -7.30
N SER B 72 7.69 11.33 -7.93
CA SER B 72 6.25 11.38 -7.85
C SER B 72 5.75 9.96 -7.89
N TYR B 73 4.66 9.70 -7.17
CA TYR B 73 4.05 8.37 -7.21
C TYR B 73 3.87 7.95 -8.65
N VAL B 74 4.15 6.68 -8.93
CA VAL B 74 3.93 6.09 -10.23
C VAL B 74 2.85 5.04 -10.06
N MET B 75 2.02 4.82 -11.09
CA MET B 75 1.02 3.78 -10.98
C MET B 75 0.66 3.18 -12.33
N LEU B 76 0.22 1.92 -12.30
CA LEU B 76 -0.91 1.49 -13.12
C LEU B 76 -1.79 0.51 -12.31
N ASN C 11 20.36 -1.06 -30.54
CA ASN C 11 20.02 -0.84 -29.14
C ASN C 11 20.89 0.24 -28.51
N LEU C 12 20.54 0.63 -27.29
CA LEU C 12 21.05 1.86 -26.70
C LEU C 12 22.56 1.80 -26.46
N GLN C 13 23.06 0.70 -25.91
CA GLN C 13 24.43 0.68 -25.40
C GLN C 13 25.47 0.74 -26.52
N ASP C 14 25.30 -0.08 -27.55
CA ASP C 14 26.29 -0.09 -28.64
C ASP C 14 26.23 1.21 -29.43
N ARG C 15 25.03 1.72 -29.70
CA ARG C 15 24.92 3.01 -30.36
C ARG C 15 25.61 4.11 -29.54
N PHE C 16 25.44 4.07 -28.23
CA PHE C 16 26.12 5.05 -27.40
C PHE C 16 27.63 4.80 -27.42
N LEU C 17 28.04 3.55 -27.22
CA LEU C 17 29.47 3.23 -27.23
C LEU C 17 30.08 3.60 -28.58
N ASN C 18 29.40 3.23 -29.67
CA ASN C 18 29.96 3.49 -30.98
C ASN C 18 30.00 4.99 -31.30
N HIS C 19 28.97 5.73 -30.90
CA HIS C 19 29.01 7.17 -31.11
C HIS C 19 30.25 7.77 -30.48
N LEU C 20 30.66 7.26 -29.32
CA LEU C 20 31.89 7.71 -28.69
C LEU C 20 33.15 7.17 -29.37
N ARG C 21 33.05 6.05 -30.09
CA ARG C 21 34.25 5.52 -30.72
C ARG C 21 34.65 6.36 -31.92
N VAL C 22 33.67 6.80 -32.71
CA VAL C 22 33.94 7.37 -34.02
C VAL C 22 33.99 8.91 -34.00
N ASN C 23 33.35 9.56 -33.04
CA ASN C 23 33.57 10.98 -32.86
C ASN C 23 34.71 11.27 -31.89
N LYS C 24 35.42 10.22 -31.44
CA LYS C 24 36.58 10.38 -30.57
C LYS C 24 36.26 11.28 -29.37
N ILE C 25 35.08 11.05 -28.76
CA ILE C 25 34.70 11.80 -27.57
C ILE C 25 35.36 11.17 -26.35
N GLU C 26 35.94 12.02 -25.51
CA GLU C 26 36.56 11.54 -24.30
C GLU C 26 35.47 11.17 -23.29
N VAL C 27 35.76 10.19 -22.44
CA VAL C 27 34.81 9.75 -21.42
C VAL C 27 35.51 9.65 -20.08
N LYS C 28 34.75 9.86 -19.01
CA LYS C 28 35.12 9.34 -17.70
C LYS C 28 34.37 8.05 -17.48
N VAL C 29 35.06 7.09 -16.87
CA VAL C 29 34.52 5.76 -16.64
C VAL C 29 34.61 5.53 -15.14
N TYR C 30 33.47 5.45 -14.47
CA TYR C 30 33.42 5.13 -13.05
C TYR C 30 33.20 3.62 -12.92
N LEU C 31 34.09 2.95 -12.21
CA LEU C 31 33.98 1.51 -11.93
C LEU C 31 33.14 1.26 -10.68
N VAL C 32 32.55 0.05 -10.62
CA VAL C 32 31.71 -0.32 -9.48
C VAL C 32 32.45 -0.15 -8.17
N ASN C 33 33.75 -0.37 -8.13
CA ASN C 33 34.48 -0.34 -6.87
C ASN C 33 34.90 1.07 -6.42
N GLY C 34 34.37 2.14 -7.00
CA GLY C 34 34.84 3.48 -6.66
C GLY C 34 35.81 4.19 -7.60
N PHE C 35 36.82 3.47 -8.11
CA PHE C 35 37.86 4.10 -8.93
C PHE C 35 37.30 4.65 -10.24
N GLN C 36 38.14 5.39 -10.95
CA GLN C 36 37.69 6.19 -12.08
C GLN C 36 38.82 6.34 -13.09
N THR C 37 38.50 6.13 -14.35
CA THR C 37 39.44 6.28 -15.44
C THR C 37 38.96 7.40 -16.35
N LYS C 38 39.71 7.61 -17.41
CA LYS C 38 39.39 8.67 -18.34
C LYS C 38 40.17 8.37 -19.60
N GLY C 39 39.50 8.45 -20.74
CA GLY C 39 40.15 8.07 -21.97
C GLY C 39 39.16 8.12 -23.11
N PHE C 40 39.55 7.47 -24.20
CA PHE C 40 38.76 7.36 -25.41
C PHE C 40 38.44 5.88 -25.60
N ILE C 41 37.18 5.58 -25.95
CA ILE C 41 36.77 4.24 -26.35
C ILE C 41 37.46 3.88 -27.65
N ARG C 42 38.47 3.00 -27.62
CA ARG C 42 39.04 2.59 -28.89
C ARG C 42 38.21 1.50 -29.55
N SER C 43 37.61 0.63 -28.77
CA SER C 43 37.07 -0.61 -29.28
C SER C 43 36.20 -1.21 -28.19
N PHE C 44 35.29 -2.11 -28.58
CA PHE C 44 34.49 -2.78 -27.55
C PHE C 44 33.77 -4.01 -28.09
N ASP C 45 33.34 -4.85 -27.16
CA ASP C 45 32.55 -6.04 -27.50
C ASP C 45 31.54 -6.27 -26.39
N SER C 46 31.03 -7.50 -26.32
CA SER C 46 29.97 -7.81 -25.37
C SER C 46 30.39 -7.62 -23.93
N TYR C 47 31.65 -7.90 -23.63
CA TYR C 47 32.07 -8.06 -22.26
C TYR C 47 33.12 -7.06 -21.83
N THR C 48 33.82 -6.43 -22.77
CA THR C 48 34.91 -5.53 -22.44
C THR C 48 34.84 -4.27 -23.28
N VAL C 49 35.62 -3.30 -22.84
CA VAL C 49 35.75 -1.99 -23.45
C VAL C 49 37.23 -1.73 -23.48
N LEU C 50 37.77 -1.41 -24.66
CA LEU C 50 39.18 -1.02 -24.78
C LEU C 50 39.27 0.49 -24.67
N LEU C 51 39.89 0.97 -23.59
CA LEU C 51 39.99 2.39 -23.29
C LEU C 51 41.44 2.85 -23.43
N GLU C 52 41.65 3.94 -24.18
CA GLU C 52 43.00 4.43 -24.44
C GLU C 52 43.16 5.88 -24.03
N SER C 53 44.28 6.15 -23.39
CA SER C 53 44.74 7.48 -23.04
C SER C 53 46.21 7.52 -23.44
N GLY C 54 46.51 8.23 -24.50
CA GLY C 54 47.89 8.27 -24.96
C GLY C 54 48.29 6.91 -25.47
N ASN C 55 49.30 6.33 -24.85
CA ASN C 55 49.76 4.99 -25.20
C ASN C 55 49.31 3.96 -24.19
N GLN C 56 48.59 4.39 -23.15
CA GLN C 56 48.03 3.50 -22.16
C GLN C 56 46.76 2.86 -22.69
N GLN C 57 46.69 1.53 -22.65
CA GLN C 57 45.47 0.81 -22.93
C GLN C 57 44.93 0.17 -21.67
N SER C 58 43.61 0.21 -21.50
CA SER C 58 42.94 -0.51 -20.44
C SER C 58 41.86 -1.36 -21.08
N LEU C 59 41.99 -2.67 -20.95
CA LEU C 59 40.87 -3.54 -21.22
C LEU C 59 40.04 -3.62 -19.95
N ILE C 60 38.80 -3.16 -20.02
CA ILE C 60 37.95 -3.04 -18.84
C ILE C 60 36.77 -3.97 -19.00
N TYR C 61 36.52 -4.78 -17.99
CA TYR C 61 35.33 -5.63 -17.96
C TYR C 61 34.09 -4.78 -17.64
N LYS C 62 33.10 -4.80 -18.54
CA LYS C 62 31.83 -4.11 -18.30
C LYS C 62 31.24 -4.43 -16.94
N HIS C 63 31.22 -5.72 -16.53
CA HIS C 63 30.63 -6.07 -15.24
C HIS C 63 31.24 -5.22 -14.13
N ALA C 64 32.39 -4.61 -14.38
CA ALA C 64 33.07 -3.78 -13.40
C ALA C 64 32.82 -2.31 -13.63
N ILE C 65 32.02 -1.94 -14.64
CA ILE C 65 31.76 -0.54 -14.98
C ILE C 65 30.44 -0.11 -14.38
N SER C 66 30.48 1.03 -13.71
CA SER C 66 29.28 1.67 -13.18
C SER C 66 28.66 2.61 -14.21
N THR C 67 29.42 3.63 -14.59
CA THR C 67 28.94 4.75 -15.36
C THR C 67 29.95 5.12 -16.43
N ILE C 68 29.45 5.64 -17.54
CA ILE C 68 30.26 6.22 -18.59
C ILE C 68 29.74 7.62 -18.83
N ILE C 69 30.62 8.60 -18.63
CA ILE C 69 30.18 9.99 -18.75
C ILE C 69 31.04 10.70 -19.78
N PRO C 70 30.45 11.02 -20.93
CA PRO C 70 31.19 11.66 -22.00
C PRO C 70 31.50 13.11 -21.69
N SER C 71 32.59 13.60 -22.27
CA SER C 71 32.97 15.00 -22.17
C SER C 71 32.03 15.91 -22.95
N SER C 72 31.36 15.39 -23.95
CA SER C 72 30.50 16.14 -24.85
C SER C 72 29.08 15.62 -24.74
N TYR C 73 28.19 16.18 -25.53
CA TYR C 73 26.83 15.68 -25.61
C TYR C 73 26.68 14.72 -26.80
N VAL C 74 25.79 13.75 -26.65
CA VAL C 74 25.67 12.65 -27.59
C VAL C 74 24.23 12.56 -28.10
N MET C 75 24.07 12.32 -29.39
CA MET C 75 22.73 12.08 -29.96
C MET C 75 22.69 10.89 -30.90
N ASN D 11 35.44 -11.87 -29.22
CA ASN D 11 36.17 -11.19 -30.28
C ASN D 11 37.28 -10.30 -29.71
N LEU D 12 36.96 -9.04 -29.38
CA LEU D 12 37.97 -8.14 -28.83
C LEU D 12 38.66 -8.74 -27.62
N GLN D 13 37.88 -9.22 -26.65
CA GLN D 13 38.48 -9.71 -25.41
C GLN D 13 39.42 -10.87 -25.68
N ASP D 14 39.04 -11.77 -26.58
CA ASP D 14 39.87 -12.95 -26.80
C ASP D 14 41.06 -12.68 -27.73
N ARG D 15 40.88 -11.82 -28.75
CA ARG D 15 42.04 -11.32 -29.49
C ARG D 15 43.05 -10.65 -28.56
N PHE D 16 42.58 -9.84 -27.62
CA PHE D 16 43.48 -9.07 -26.77
C PHE D 16 44.23 -9.97 -25.79
N LEU D 17 43.55 -10.95 -25.19
CA LEU D 17 44.23 -11.81 -24.24
C LEU D 17 45.23 -12.70 -24.95
N ASN D 18 44.81 -13.28 -26.09
CA ASN D 18 45.70 -14.14 -26.89
C ASN D 18 46.93 -13.37 -27.33
N HIS D 19 46.74 -12.13 -27.74
CA HIS D 19 47.89 -11.34 -28.13
C HIS D 19 48.86 -11.26 -26.96
N LEU D 20 48.35 -10.99 -25.77
CA LEU D 20 49.21 -10.90 -24.60
C LEU D 20 49.82 -12.24 -24.23
N ARG D 21 49.16 -13.34 -24.62
CA ARG D 21 49.65 -14.66 -24.26
C ARG D 21 50.72 -15.14 -25.23
N VAL D 22 50.41 -15.10 -26.53
CA VAL D 22 51.38 -15.47 -27.58
C VAL D 22 52.67 -14.70 -27.41
N ASN D 23 52.57 -13.38 -27.39
CA ASN D 23 53.73 -12.50 -27.33
C ASN D 23 54.27 -12.35 -25.93
N LYS D 24 53.68 -13.04 -24.94
CA LYS D 24 54.20 -13.09 -23.57
C LYS D 24 54.48 -11.69 -23.01
N ILE D 25 53.54 -10.75 -23.25
CA ILE D 25 53.58 -9.43 -22.65
C ILE D 25 53.16 -9.50 -21.20
N GLU D 26 53.80 -8.72 -20.35
CA GLU D 26 53.42 -8.70 -18.94
C GLU D 26 52.29 -7.71 -18.71
N VAL D 27 51.37 -8.06 -17.82
CA VAL D 27 50.21 -7.22 -17.54
C VAL D 27 50.12 -6.94 -16.04
N LYS D 28 49.44 -5.83 -15.72
CA LYS D 28 48.85 -5.63 -14.40
C LYS D 28 47.38 -5.94 -14.52
N VAL D 29 46.87 -6.76 -13.60
CA VAL D 29 45.45 -7.08 -13.49
C VAL D 29 44.91 -6.38 -12.24
N TYR D 30 43.85 -5.61 -12.40
CA TYR D 30 43.20 -4.95 -11.30
C TYR D 30 41.91 -5.68 -10.93
N LEU D 31 41.84 -6.18 -9.70
CA LEU D 31 40.64 -6.85 -9.21
C LEU D 31 39.59 -5.84 -8.73
N VAL D 32 38.32 -6.25 -8.80
CA VAL D 32 37.22 -5.38 -8.39
C VAL D 32 37.21 -5.08 -6.90
N ASN D 33 38.03 -5.78 -6.10
CA ASN D 33 38.21 -5.47 -4.69
C ASN D 33 39.56 -4.79 -4.41
N GLY D 34 39.94 -3.81 -5.23
CA GLY D 34 41.18 -3.07 -5.07
C GLY D 34 42.54 -3.75 -5.24
N PHE D 35 42.65 -5.07 -5.08
CA PHE D 35 43.99 -5.65 -5.19
C PHE D 35 44.46 -5.66 -6.64
N GLN D 36 45.76 -5.88 -6.83
CA GLN D 36 46.32 -5.91 -8.17
C GLN D 36 47.47 -6.92 -8.24
N THR D 37 47.68 -7.46 -9.43
CA THR D 37 48.66 -8.51 -9.68
C THR D 37 49.43 -8.19 -10.95
N LYS D 38 50.72 -8.55 -10.97
CA LYS D 38 51.53 -8.54 -12.17
C LYS D 38 51.74 -9.98 -12.65
N GLY D 39 51.91 -10.17 -13.95
CA GLY D 39 52.10 -11.52 -14.44
C GLY D 39 52.00 -11.63 -15.94
N PHE D 40 52.09 -12.87 -16.41
CA PHE D 40 51.94 -13.21 -17.82
C PHE D 40 50.72 -14.09 -17.94
N ILE D 41 49.88 -13.80 -18.91
CA ILE D 41 48.73 -14.66 -19.21
C ILE D 41 49.25 -15.95 -19.83
N ARG D 42 49.06 -17.07 -19.14
CA ARG D 42 49.52 -18.36 -19.66
C ARG D 42 48.40 -19.16 -20.31
N SER D 43 47.14 -18.83 -20.01
CA SER D 43 45.97 -19.22 -20.82
C SER D 43 44.72 -18.68 -20.16
N PHE D 44 43.57 -18.91 -20.79
CA PHE D 44 42.31 -18.34 -20.31
C PHE D 44 41.17 -19.13 -20.94
N ASP D 45 40.00 -19.14 -20.29
CA ASP D 45 38.78 -19.64 -20.90
C ASP D 45 37.68 -18.61 -20.67
N SER D 46 36.42 -19.04 -20.83
CA SER D 46 35.27 -18.17 -20.61
C SER D 46 35.32 -17.47 -19.26
N TYR D 47 35.74 -18.19 -18.22
CA TYR D 47 35.54 -17.73 -16.86
C TYR D 47 36.81 -17.36 -16.12
N THR D 48 37.96 -17.88 -16.51
CA THR D 48 39.16 -17.63 -15.71
C THR D 48 40.33 -17.27 -16.60
N VAL D 49 41.35 -16.74 -15.93
CA VAL D 49 42.61 -16.32 -16.51
C VAL D 49 43.67 -16.96 -15.64
N LEU D 50 44.62 -17.66 -16.25
CA LEU D 50 45.72 -18.24 -15.50
C LEU D 50 46.89 -17.29 -15.67
N LEU D 51 47.22 -16.56 -14.59
CA LEU D 51 48.35 -15.64 -14.58
C LEU D 51 49.56 -16.35 -14.02
N GLU D 52 50.74 -15.82 -14.32
CA GLU D 52 51.95 -16.45 -13.78
C GLU D 52 53.05 -15.41 -13.60
N SER D 53 53.69 -15.44 -12.43
CA SER D 53 54.81 -14.57 -12.12
C SER D 53 55.72 -15.24 -11.09
N GLY D 54 57.03 -15.19 -11.33
CA GLY D 54 57.97 -15.70 -10.36
C GLY D 54 57.84 -17.18 -10.11
N ASN D 55 57.44 -17.93 -11.13
CA ASN D 55 57.11 -19.34 -11.05
C ASN D 55 55.84 -19.60 -10.26
N GLN D 56 55.23 -18.59 -9.61
CA GLN D 56 53.94 -18.77 -8.95
C GLN D 56 52.77 -18.57 -9.92
N GLN D 57 51.70 -19.35 -9.72
CA GLN D 57 50.48 -19.29 -10.49
C GLN D 57 49.33 -18.69 -9.67
N SER D 58 48.42 -18.01 -10.40
CA SER D 58 47.16 -17.48 -9.88
C SER D 58 46.07 -17.84 -10.88
N LEU D 59 45.16 -18.75 -10.52
CA LEU D 59 43.90 -18.87 -11.26
C LEU D 59 42.96 -17.75 -10.81
N ILE D 60 42.50 -16.93 -11.75
CA ILE D 60 41.81 -15.67 -11.45
C ILE D 60 40.47 -15.66 -12.17
N TYR D 61 39.40 -15.44 -11.43
CA TYR D 61 38.10 -15.44 -12.08
C TYR D 61 37.89 -14.08 -12.72
N LYS D 62 37.43 -14.10 -13.97
CA LYS D 62 37.17 -12.85 -14.69
C LYS D 62 36.16 -11.96 -13.97
N HIS D 63 35.11 -12.55 -13.36
CA HIS D 63 34.13 -11.72 -12.64
C HIS D 63 34.77 -10.91 -11.52
N ALA D 64 35.99 -11.25 -11.11
CA ALA D 64 36.69 -10.44 -10.13
C ALA D 64 37.63 -9.41 -10.73
N ILE D 65 37.85 -9.40 -12.04
CA ILE D 65 38.74 -8.43 -12.65
C ILE D 65 37.98 -7.18 -13.06
N SER D 66 38.57 -6.03 -12.80
CA SER D 66 38.04 -4.78 -13.33
C SER D 66 38.81 -4.29 -14.55
N THR D 67 40.13 -4.45 -14.56
CA THR D 67 40.97 -3.89 -15.62
C THR D 67 42.22 -4.74 -15.88
N ILE D 68 42.61 -4.85 -17.15
CA ILE D 68 43.93 -5.39 -17.49
C ILE D 68 44.71 -4.30 -18.20
N ILE D 69 45.93 -4.05 -17.76
CA ILE D 69 46.76 -2.95 -18.25
C ILE D 69 48.08 -3.53 -18.74
N PRO D 70 48.19 -3.76 -20.05
CA PRO D 70 49.44 -4.34 -20.56
C PRO D 70 50.62 -3.43 -20.29
N SER D 71 51.82 -4.01 -20.18
CA SER D 71 53.02 -3.18 -20.04
C SER D 71 53.47 -2.57 -21.36
N SER D 72 53.10 -3.17 -22.48
CA SER D 72 53.49 -2.67 -23.79
C SER D 72 52.27 -2.58 -24.67
N TYR D 73 52.31 -1.64 -25.63
CA TYR D 73 51.16 -1.33 -26.47
C TYR D 73 50.79 -2.53 -27.35
N VAL D 74 49.50 -2.81 -27.43
CA VAL D 74 48.98 -3.97 -28.16
C VAL D 74 48.17 -3.44 -29.31
N MET D 75 48.46 -3.89 -30.53
CA MET D 75 47.68 -3.47 -31.69
C MET D 75 47.03 -4.69 -32.33
N LEU D 76 45.79 -4.53 -32.78
CA LEU D 76 45.07 -5.64 -33.37
C LEU D 76 44.59 -5.26 -34.77
N ASN E 11 38.36 -27.38 -20.95
CA ASN E 11 38.53 -25.99 -20.54
C ASN E 11 39.40 -25.82 -19.28
N LEU E 12 40.00 -24.63 -19.17
CA LEU E 12 41.05 -24.39 -18.20
C LEU E 12 40.56 -24.53 -16.78
N GLN E 13 39.41 -23.91 -16.47
CA GLN E 13 38.96 -23.84 -15.08
C GLN E 13 38.84 -25.22 -14.45
N ASP E 14 38.18 -26.14 -15.14
CA ASP E 14 37.87 -27.38 -14.46
C ASP E 14 39.03 -28.36 -14.52
N ARG E 15 39.87 -28.27 -15.56
CA ARG E 15 41.10 -29.05 -15.55
C ARG E 15 42.05 -28.59 -14.44
N PHE E 16 42.22 -27.27 -14.30
CA PHE E 16 43.01 -26.75 -13.19
C PHE E 16 42.46 -27.24 -11.85
N LEU E 17 41.14 -27.17 -11.68
CA LEU E 17 40.55 -27.52 -10.39
C LEU E 17 40.66 -29.02 -10.12
N ASN E 18 40.35 -29.86 -11.10
CA ASN E 18 40.47 -31.30 -10.91
C ASN E 18 41.90 -31.70 -10.55
N HIS E 19 42.87 -31.21 -11.31
CA HIS E 19 44.27 -31.41 -10.93
C HIS E 19 44.51 -31.13 -9.44
N LEU E 20 44.03 -29.98 -8.96
CA LEU E 20 44.16 -29.66 -7.54
C LEU E 20 43.34 -30.59 -6.67
N ARG E 21 42.30 -31.22 -7.22
CA ARG E 21 41.49 -32.15 -6.44
C ARG E 21 42.20 -33.49 -6.29
N VAL E 22 42.44 -34.15 -7.44
CA VAL E 22 42.99 -35.50 -7.46
C VAL E 22 44.37 -35.54 -6.78
N ASN E 23 45.22 -34.56 -7.06
CA ASN E 23 46.58 -34.52 -6.51
C ASN E 23 46.63 -33.88 -5.13
N LYS E 24 45.48 -33.51 -4.57
CA LYS E 24 45.42 -33.02 -3.20
C LYS E 24 46.44 -31.90 -2.97
N ILE E 25 46.61 -31.02 -3.97
CA ILE E 25 47.41 -29.81 -3.78
C ILE E 25 46.61 -28.81 -2.95
N GLU E 26 47.29 -28.16 -2.02
CA GLU E 26 46.65 -27.21 -1.13
C GLU E 26 46.63 -25.84 -1.79
N VAL E 27 45.51 -25.11 -1.65
CA VAL E 27 45.37 -23.80 -2.28
C VAL E 27 45.11 -22.72 -1.24
N LYS E 28 45.41 -21.49 -1.62
CA LYS E 28 44.88 -20.32 -0.96
C LYS E 28 43.80 -19.74 -1.86
N VAL E 29 42.63 -19.48 -1.31
CA VAL E 29 41.49 -18.97 -2.05
C VAL E 29 41.21 -17.57 -1.54
N TYR E 30 41.37 -16.58 -2.40
CA TYR E 30 41.05 -15.20 -2.05
C TYR E 30 39.63 -14.86 -2.52
N LEU E 31 38.79 -14.39 -1.61
CA LEU E 31 37.42 -14.08 -1.94
C LEU E 31 37.31 -12.59 -2.28
N VAL E 32 36.26 -12.24 -3.04
CA VAL E 32 36.16 -10.84 -3.47
C VAL E 32 35.93 -9.90 -2.28
N ASN E 33 35.28 -10.36 -1.20
CA ASN E 33 35.12 -9.47 -0.06
C ASN E 33 36.45 -9.14 0.61
N GLY E 34 37.51 -9.92 0.37
CA GLY E 34 38.80 -9.67 0.97
C GLY E 34 39.32 -10.76 1.88
N PHE E 35 38.46 -11.61 2.46
CA PHE E 35 38.96 -12.68 3.32
C PHE E 35 39.73 -13.70 2.47
N GLN E 36 40.29 -14.70 3.14
CA GLN E 36 41.04 -15.72 2.44
C GLN E 36 40.92 -16.98 3.27
N THR E 37 41.21 -18.11 2.64
CA THR E 37 41.11 -19.41 3.30
C THR E 37 42.01 -20.35 2.54
N LYS E 38 42.46 -21.37 3.24
CA LYS E 38 43.28 -22.38 2.61
C LYS E 38 42.65 -23.73 2.89
N GLY E 39 43.16 -24.74 2.24
CA GLY E 39 42.59 -26.07 2.36
C GLY E 39 42.65 -26.76 1.03
N PHE E 40 41.91 -27.87 0.92
CA PHE E 40 42.01 -28.76 -0.23
C PHE E 40 40.66 -28.81 -0.92
N ILE E 41 40.66 -28.64 -2.22
CA ILE E 41 39.44 -28.82 -3.01
C ILE E 41 39.02 -30.28 -3.02
N ARG E 42 38.02 -30.62 -2.21
CA ARG E 42 37.48 -31.97 -2.24
C ARG E 42 36.56 -32.18 -3.44
N SER E 43 35.84 -31.13 -3.82
CA SER E 43 34.77 -31.30 -4.78
C SER E 43 34.44 -29.93 -5.35
N PHE E 44 33.74 -29.93 -6.49
CA PHE E 44 33.34 -28.67 -7.07
C PHE E 44 32.33 -28.97 -8.16
N ASP E 45 31.43 -28.03 -8.39
CA ASP E 45 30.52 -28.10 -9.53
C ASP E 45 30.58 -26.73 -10.18
N SER E 46 29.56 -26.43 -10.99
CA SER E 46 29.55 -25.20 -11.78
C SER E 46 29.54 -23.95 -10.92
N TYR E 47 28.92 -23.98 -9.74
CA TYR E 47 28.73 -22.78 -8.96
C TYR E 47 29.45 -22.78 -7.62
N THR E 48 30.01 -23.91 -7.19
CA THR E 48 30.58 -23.99 -5.85
C THR E 48 31.84 -24.84 -5.88
N VAL E 49 32.68 -24.57 -4.87
CA VAL E 49 33.84 -25.38 -4.53
C VAL E 49 33.69 -25.78 -3.06
N LEU E 50 33.89 -27.06 -2.77
CA LEU E 50 33.97 -27.54 -1.39
C LEU E 50 35.44 -27.58 -1.00
N LEU E 51 35.78 -26.80 0.00
CA LEU E 51 37.17 -26.59 0.41
C LEU E 51 37.28 -27.04 1.84
N GLU E 52 38.02 -28.11 2.07
CA GLU E 52 38.19 -28.62 3.42
C GLU E 52 39.61 -28.36 3.90
N SER E 53 39.69 -28.11 5.19
CA SER E 53 40.92 -27.87 5.90
C SER E 53 40.94 -28.79 7.12
N GLY E 54 41.28 -30.05 6.89
CA GLY E 54 41.34 -31.04 7.94
C GLY E 54 39.96 -30.95 8.50
N ASN E 55 39.86 -30.48 9.73
CA ASN E 55 38.55 -30.35 10.37
C ASN E 55 37.37 -29.73 9.63
N GLN E 56 37.53 -28.49 9.17
CA GLN E 56 36.44 -27.61 8.76
C GLN E 56 36.17 -27.72 7.28
N GLN E 57 34.90 -27.69 6.91
CA GLN E 57 34.45 -27.55 5.53
C GLN E 57 33.91 -26.15 5.27
N SER E 58 34.05 -25.71 4.02
CA SER E 58 33.48 -24.47 3.55
C SER E 58 32.96 -24.77 2.15
N LEU E 59 31.64 -24.67 1.99
CA LEU E 59 31.13 -24.58 0.64
C LEU E 59 31.29 -23.12 0.21
N ILE E 60 31.93 -22.90 -0.92
CA ILE E 60 32.30 -21.55 -1.37
C ILE E 60 31.70 -21.33 -2.74
N TYR E 61 31.02 -20.20 -2.92
CA TYR E 61 30.44 -19.92 -4.23
C TYR E 61 31.51 -19.32 -5.13
N LYS E 62 31.65 -19.88 -6.34
CA LYS E 62 32.64 -19.38 -7.30
C LYS E 62 32.54 -17.87 -7.49
N HIS E 63 31.32 -17.31 -7.55
CA HIS E 63 31.14 -15.87 -7.74
C HIS E 63 31.75 -15.05 -6.62
N ALA E 64 31.92 -15.63 -5.44
CA ALA E 64 32.59 -14.90 -4.37
C ALA E 64 34.12 -15.07 -4.39
N ILE E 65 34.64 -16.00 -5.21
CA ILE E 65 36.07 -16.22 -5.32
C ILE E 65 36.69 -15.16 -6.23
N SER E 66 37.79 -14.59 -5.78
CA SER E 66 38.56 -13.65 -6.59
C SER E 66 39.64 -14.39 -7.35
N THR E 67 40.46 -15.17 -6.65
CA THR E 67 41.59 -15.87 -7.23
C THR E 67 41.96 -17.09 -6.40
N ILE E 68 42.29 -18.21 -7.05
CA ILE E 68 42.81 -19.40 -6.39
C ILE E 68 44.31 -19.52 -6.62
N ILE E 69 45.05 -19.74 -5.55
CA ILE E 69 46.51 -19.74 -5.61
C ILE E 69 47.10 -21.04 -5.06
N PRO E 70 47.61 -21.93 -5.90
CA PRO E 70 48.07 -23.23 -5.41
C PRO E 70 49.43 -23.14 -4.73
N SER E 71 49.61 -24.04 -3.76
CA SER E 71 50.84 -24.13 -2.99
C SER E 71 52.00 -24.70 -3.80
N SER E 72 51.72 -25.46 -4.85
CA SER E 72 52.75 -26.03 -5.69
C SER E 72 52.33 -25.89 -7.14
N TYR E 73 53.30 -25.99 -8.04
CA TYR E 73 53.05 -25.68 -9.44
C TYR E 73 52.16 -26.73 -10.07
N VAL E 74 51.12 -26.27 -10.76
CA VAL E 74 50.21 -27.16 -11.49
C VAL E 74 50.65 -27.18 -12.95
N MET E 75 51.14 -28.32 -13.43
CA MET E 75 51.36 -28.54 -14.86
C MET E 75 50.20 -29.35 -15.41
N LEU E 76 49.63 -28.91 -16.53
CA LEU E 76 48.44 -29.62 -17.03
C LEU E 76 48.74 -30.59 -18.20
N HIS F 3 15.79 -53.14 -15.97
CA HIS F 3 15.65 -51.73 -15.68
C HIS F 3 16.61 -51.02 -14.68
N MET F 4 17.28 -49.97 -15.14
CA MET F 4 18.20 -49.25 -14.25
C MET F 4 17.74 -47.88 -14.23
N ALA F 5 18.13 -47.04 -13.33
CA ALA F 5 17.70 -45.62 -13.33
C ALA F 5 18.50 -44.97 -14.39
N LEU F 6 18.61 -43.65 -14.54
CA LEU F 6 19.43 -43.02 -15.66
C LEU F 6 20.79 -42.31 -15.36
N ALA F 7 20.78 -41.06 -15.00
CA ALA F 7 22.01 -40.39 -14.65
C ALA F 7 21.80 -39.24 -13.75
N GLU F 8 22.93 -38.68 -13.42
CA GLU F 8 23.14 -37.60 -12.55
C GLU F 8 23.18 -36.28 -13.23
N LYS F 9 24.19 -35.45 -13.16
CA LYS F 9 25.50 -35.61 -12.65
C LYS F 9 25.83 -35.39 -11.19
N PHE F 10 26.95 -34.82 -10.89
CA PHE F 10 27.27 -34.55 -9.57
C PHE F 10 26.81 -33.17 -9.48
N ASN F 11 26.01 -32.86 -8.50
CA ASN F 11 25.49 -31.56 -8.25
C ASN F 11 25.96 -31.56 -6.89
N LEU F 12 26.88 -30.69 -6.55
CA LEU F 12 27.45 -30.63 -5.27
C LEU F 12 26.70 -29.66 -4.45
N GLN F 13 26.21 -28.63 -5.08
CA GLN F 13 25.51 -27.61 -4.36
C GLN F 13 24.22 -28.03 -3.77
N ASP F 14 23.40 -28.65 -4.58
CA ASP F 14 22.10 -29.11 -4.08
C ASP F 14 22.29 -30.22 -3.06
N ARG F 15 23.24 -31.12 -3.31
CA ARG F 15 23.41 -32.26 -2.43
C ARG F 15 23.86 -31.82 -1.05
N PHE F 16 24.73 -30.82 -1.00
CA PHE F 16 25.25 -30.35 0.26
C PHE F 16 24.21 -29.53 1.01
N LEU F 17 23.43 -28.73 0.28
CA LEU F 17 22.39 -27.93 0.95
C LEU F 17 21.27 -28.83 1.45
N ASN F 18 20.86 -29.81 0.64
CA ASN F 18 19.76 -30.66 1.07
C ASN F 18 20.17 -31.51 2.26
N HIS F 19 21.44 -31.90 2.33
CA HIS F 19 21.92 -32.57 3.53
C HIS F 19 21.80 -31.68 4.76
N LEU F 20 22.20 -30.41 4.64
CA LEU F 20 22.06 -29.46 5.74
C LEU F 20 20.61 -29.23 6.14
N ARG F 21 19.71 -29.36 5.17
CA ARG F 21 18.32 -29.02 5.40
C ARG F 21 17.59 -30.11 6.16
N VAL F 22 17.85 -31.36 5.77
CA VAL F 22 17.08 -32.46 6.34
C VAL F 22 17.67 -32.91 7.66
N ASN F 23 18.97 -32.75 7.84
CA ASN F 23 19.58 -33.11 9.10
C ASN F 23 19.67 -31.94 10.04
N LYS F 24 19.06 -30.81 9.67
CA LYS F 24 18.91 -29.66 10.55
C LYS F 24 20.26 -29.30 11.19
N ILE F 25 21.29 -29.23 10.35
CA ILE F 25 22.63 -28.86 10.79
C ILE F 25 22.76 -27.34 10.77
N GLU F 26 23.06 -26.74 11.91
CA GLU F 26 23.23 -25.30 11.93
C GLU F 26 24.41 -24.90 11.06
N VAL F 27 24.28 -23.79 10.34
CA VAL F 27 25.32 -23.29 9.48
C VAL F 27 25.61 -21.84 9.84
N LYS F 28 26.85 -21.43 9.57
CA LYS F 28 27.24 -20.03 9.54
C LYS F 28 27.35 -19.59 8.09
N VAL F 29 26.71 -18.48 7.73
CA VAL F 29 26.69 -17.95 6.37
C VAL F 29 27.46 -16.63 6.29
N TYR F 30 28.48 -16.57 5.43
CA TYR F 30 29.25 -15.34 5.20
C TYR F 30 28.75 -14.64 3.96
N LEU F 31 28.40 -13.37 4.09
CA LEU F 31 27.92 -12.60 2.94
C LEU F 31 29.07 -11.91 2.21
N VAL F 32 28.87 -11.66 0.90
CA VAL F 32 29.94 -11.06 0.11
C VAL F 32 30.27 -9.64 0.58
N ASN F 33 29.41 -9.02 1.37
CA ASN F 33 29.77 -7.72 1.94
C ASN F 33 30.51 -7.84 3.27
N GLY F 34 30.90 -9.06 3.66
CA GLY F 34 31.57 -9.29 4.91
C GLY F 34 30.69 -9.78 6.04
N PHE F 35 29.42 -9.36 6.08
CA PHE F 35 28.51 -9.70 7.18
C PHE F 35 28.29 -11.21 7.26
N GLN F 36 27.71 -11.65 8.38
CA GLN F 36 27.50 -13.07 8.58
C GLN F 36 26.20 -13.31 9.34
N THR F 37 25.71 -14.54 9.26
CA THR F 37 24.48 -14.88 9.97
C THR F 37 24.46 -16.39 10.17
N LYS F 38 23.67 -16.82 11.16
CA LYS F 38 23.55 -18.21 11.57
C LYS F 38 22.13 -18.67 11.35
N GLY F 39 21.94 -19.98 11.31
CA GLY F 39 20.59 -20.48 11.24
C GLY F 39 20.56 -21.88 10.67
N PHE F 40 19.36 -22.26 10.25
CA PHE F 40 19.06 -23.58 9.71
C PHE F 40 18.44 -23.41 8.34
N ILE F 41 18.99 -24.08 7.34
CA ILE F 41 18.41 -24.03 6.01
C ILE F 41 17.02 -24.67 6.08
N ARG F 42 15.97 -23.89 5.86
CA ARG F 42 14.63 -24.46 5.74
C ARG F 42 14.29 -24.83 4.31
N SER F 43 14.79 -24.07 3.35
CA SER F 43 14.47 -24.32 1.96
C SER F 43 15.49 -23.59 1.11
N PHE F 44 15.51 -23.91 -0.19
CA PHE F 44 16.34 -23.20 -1.15
C PHE F 44 15.81 -23.47 -2.56
N ASP F 45 16.14 -22.58 -3.47
CA ASP F 45 15.90 -22.81 -4.88
C ASP F 45 17.09 -22.29 -5.67
N SER F 46 16.92 -22.11 -6.98
CA SER F 46 18.01 -21.74 -7.86
C SER F 46 18.73 -20.48 -7.42
N TYR F 47 18.03 -19.54 -6.76
CA TYR F 47 18.61 -18.22 -6.50
C TYR F 47 18.64 -17.81 -5.04
N THR F 48 17.95 -18.55 -4.16
CA THR F 48 17.69 -18.07 -2.81
C THR F 48 17.81 -19.22 -1.81
N VAL F 49 18.05 -18.85 -0.54
CA VAL F 49 18.06 -19.80 0.57
C VAL F 49 17.27 -19.17 1.69
N LEU F 50 16.45 -19.98 2.37
CA LEU F 50 15.64 -19.53 3.50
C LEU F 50 16.34 -19.96 4.79
N LEU F 51 16.83 -18.99 5.54
CA LEU F 51 17.59 -19.26 6.75
C LEU F 51 16.75 -18.83 7.94
N GLU F 52 16.45 -19.78 8.83
CA GLU F 52 15.65 -19.54 10.01
C GLU F 52 16.57 -19.67 11.21
N SER F 53 16.54 -18.67 12.07
CA SER F 53 17.22 -18.71 13.36
C SER F 53 16.23 -18.22 14.41
N GLY F 54 15.69 -19.15 15.20
CA GLY F 54 14.68 -18.79 16.19
C GLY F 54 13.45 -18.23 15.53
N ASN F 55 13.19 -16.97 15.84
CA ASN F 55 12.02 -16.25 15.36
C ASN F 55 12.22 -15.62 13.97
N GLN F 56 13.47 -15.38 13.58
CA GLN F 56 13.83 -14.66 12.36
C GLN F 56 13.90 -15.62 11.18
N GLN F 57 13.31 -15.22 10.06
CA GLN F 57 13.49 -15.89 8.78
C GLN F 57 14.19 -14.94 7.83
N SER F 58 15.17 -15.45 7.10
CA SER F 58 15.91 -14.63 6.16
C SER F 58 15.81 -15.29 4.80
N LEU F 59 15.26 -14.58 3.82
CA LEU F 59 15.41 -14.97 2.43
C LEU F 59 16.70 -14.27 1.96
N ILE F 60 17.79 -15.04 1.95
CA ILE F 60 19.10 -14.63 1.46
C ILE F 60 19.23 -14.96 -0.03
N TYR F 61 19.72 -14.01 -0.82
CA TYR F 61 20.04 -14.29 -2.22
C TYR F 61 21.41 -14.98 -2.34
N LYS F 62 21.47 -16.04 -3.15
CA LYS F 62 22.74 -16.76 -3.33
C LYS F 62 23.86 -15.84 -3.81
N HIS F 63 23.56 -15.00 -4.81
CA HIS F 63 24.59 -14.08 -5.34
C HIS F 63 25.20 -13.24 -4.24
N ALA F 64 24.61 -13.19 -3.05
CA ALA F 64 25.16 -12.43 -1.94
C ALA F 64 25.88 -13.29 -0.94
N ILE F 65 25.86 -14.62 -1.12
CA ILE F 65 26.49 -15.56 -0.20
C ILE F 65 27.92 -15.78 -0.65
N SER F 66 28.87 -15.55 0.26
CA SER F 66 30.27 -15.91 0.03
C SER F 66 30.54 -17.37 0.39
N THR F 67 30.29 -17.76 1.64
CA THR F 67 30.69 -19.04 2.19
C THR F 67 29.62 -19.58 3.14
N ILE F 68 29.49 -20.91 3.16
CA ILE F 68 28.63 -21.62 4.11
C ILE F 68 29.51 -22.56 4.91
N ILE F 69 29.60 -22.35 6.22
CA ILE F 69 30.37 -23.22 7.09
C ILE F 69 29.39 -24.00 7.99
N PRO F 70 29.25 -25.30 7.80
CA PRO F 70 28.35 -26.08 8.67
C PRO F 70 28.93 -26.28 10.07
N SER F 71 28.05 -26.62 11.01
CA SER F 71 28.45 -26.82 12.40
C SER F 71 29.05 -28.21 12.63
N SER F 72 28.76 -29.16 11.74
CA SER F 72 29.22 -30.52 11.86
C SER F 72 29.68 -30.97 10.48
N TYR F 73 30.48 -32.03 10.46
CA TYR F 73 30.99 -32.57 9.19
C TYR F 73 29.86 -33.25 8.40
N VAL F 74 29.98 -33.24 7.07
CA VAL F 74 28.79 -33.48 6.25
C VAL F 74 28.70 -34.92 5.70
N MET F 75 29.57 -35.30 4.78
CA MET F 75 29.44 -36.57 4.02
C MET F 75 28.36 -36.52 2.95
N ASN G 11 -19.13 15.45 -11.93
CA ASN G 11 -19.20 14.71 -10.67
C ASN G 11 -18.01 15.07 -9.80
N LEU G 12 -18.24 15.87 -8.75
CA LEU G 12 -17.16 16.38 -7.92
C LEU G 12 -16.55 15.29 -7.04
N GLN G 13 -17.41 14.54 -6.36
CA GLN G 13 -16.94 13.63 -5.31
C GLN G 13 -16.02 12.56 -5.87
N ASP G 14 -16.46 11.88 -6.93
CA ASP G 14 -15.74 10.69 -7.37
C ASP G 14 -14.58 11.04 -8.28
N ARG G 15 -14.55 12.25 -8.86
CA ARG G 15 -13.37 12.72 -9.54
C ARG G 15 -12.31 13.25 -8.58
N PHE G 16 -12.74 13.65 -7.38
CA PHE G 16 -11.84 14.09 -6.34
C PHE G 16 -11.28 12.92 -5.54
N LEU G 17 -12.16 11.98 -5.17
CA LEU G 17 -11.68 10.80 -4.47
C LEU G 17 -10.69 10.06 -5.33
N ASN G 18 -10.98 9.95 -6.62
CA ASN G 18 -10.10 9.18 -7.47
C ASN G 18 -8.78 9.91 -7.72
N HIS G 19 -8.82 11.23 -7.85
CA HIS G 19 -7.56 11.94 -7.98
C HIS G 19 -6.66 11.60 -6.80
N LEU G 20 -7.21 11.71 -5.59
CA LEU G 20 -6.48 11.33 -4.39
C LEU G 20 -5.94 9.92 -4.51
N ARG G 21 -6.76 9.01 -5.00
CA ARG G 21 -6.33 7.62 -5.07
C ARG G 21 -5.12 7.45 -5.97
N VAL G 22 -5.20 7.92 -7.22
CA VAL G 22 -4.15 7.57 -8.17
C VAL G 22 -2.87 8.35 -7.95
N ASN G 23 -2.92 9.51 -7.31
CA ASN G 23 -1.72 10.25 -6.96
C ASN G 23 -1.15 9.88 -5.59
N LYS G 24 -1.76 8.94 -4.86
CA LYS G 24 -1.41 8.61 -3.47
C LYS G 24 -1.18 9.87 -2.60
N ILE G 25 -2.24 10.66 -2.46
CA ILE G 25 -2.27 11.78 -1.52
C ILE G 25 -2.76 11.27 -0.19
N GLU G 26 -2.05 11.62 0.87
CA GLU G 26 -2.60 11.26 2.16
C GLU G 26 -3.78 12.17 2.46
N VAL G 27 -4.67 11.70 3.32
CA VAL G 27 -5.87 12.45 3.68
C VAL G 27 -6.15 12.25 5.16
N LYS G 28 -6.71 13.29 5.78
CA LYS G 28 -7.39 13.14 7.07
C LYS G 28 -8.86 12.95 6.76
N VAL G 29 -9.46 11.95 7.38
CA VAL G 29 -10.88 11.67 7.23
C VAL G 29 -11.53 11.97 8.58
N TYR G 30 -12.39 12.96 8.60
CA TYR G 30 -13.04 13.37 9.85
C TYR G 30 -14.42 12.75 9.93
N LEU G 31 -14.73 12.09 11.05
CA LEU G 31 -15.96 11.33 11.18
C LEU G 31 -17.04 12.15 11.88
N VAL G 32 -18.30 11.84 11.53
CA VAL G 32 -19.44 12.55 12.10
C VAL G 32 -19.51 12.41 13.62
N ASN G 33 -18.94 11.35 14.19
CA ASN G 33 -19.03 11.20 15.64
C ASN G 33 -17.97 12.01 16.39
N GLY G 34 -16.93 12.49 15.73
CA GLY G 34 -15.88 13.26 16.35
C GLY G 34 -14.49 12.75 16.05
N PHE G 35 -14.36 11.44 15.76
CA PHE G 35 -13.03 10.83 15.62
C PHE G 35 -12.46 11.09 14.21
N GLN G 36 -11.19 10.78 14.01
CA GLN G 36 -10.54 11.02 12.75
C GLN G 36 -9.48 10.03 12.40
N THR G 37 -9.33 9.75 11.12
CA THR G 37 -8.37 8.78 10.64
C THR G 37 -7.50 9.41 9.57
N LYS G 38 -6.33 8.84 9.38
CA LYS G 38 -5.41 9.33 8.41
C LYS G 38 -4.92 8.18 7.56
N GLY G 39 -4.76 8.39 6.29
CA GLY G 39 -4.33 7.30 5.43
C GLY G 39 -4.53 7.62 3.97
N PHE G 40 -4.42 6.59 3.16
CA PHE G 40 -4.50 6.70 1.72
C PHE G 40 -5.77 6.03 1.25
N ILE G 41 -6.38 6.58 0.21
CA ILE G 41 -7.61 6.01 -0.32
C ILE G 41 -7.19 4.91 -1.28
N ARG G 42 -7.27 3.66 -0.82
CA ARG G 42 -7.00 2.53 -1.69
C ARG G 42 -8.13 2.32 -2.69
N SER G 43 -9.37 2.60 -2.29
CA SER G 43 -10.52 2.28 -3.12
C SER G 43 -11.75 2.94 -2.55
N PHE G 44 -12.80 3.02 -3.36
CA PHE G 44 -14.08 3.52 -2.87
C PHE G 44 -15.18 3.02 -3.79
N ASP G 45 -16.40 2.97 -3.26
CA ASP G 45 -17.59 2.71 -4.06
C ASP G 45 -18.67 3.70 -3.67
N SER G 46 -19.94 3.31 -3.77
CA SER G 46 -21.01 4.28 -3.55
C SER G 46 -21.21 4.55 -2.07
N TYR G 47 -21.01 3.54 -1.22
CA TYR G 47 -21.23 3.68 0.20
C TYR G 47 -19.97 3.61 1.03
N THR G 48 -18.82 3.28 0.45
CA THR G 48 -17.65 3.05 1.27
C THR G 48 -16.37 3.60 0.67
N VAL G 49 -15.43 3.84 1.56
CA VAL G 49 -14.08 4.21 1.21
C VAL G 49 -13.18 3.24 1.95
N LEU G 50 -12.22 2.65 1.25
CA LEU G 50 -11.25 1.77 1.89
C LEU G 50 -10.00 2.59 2.15
N LEU G 51 -9.69 2.79 3.41
CA LEU G 51 -8.59 3.64 3.82
C LEU G 51 -7.48 2.75 4.36
N GLU G 52 -6.25 3.05 3.97
CA GLU G 52 -5.14 2.13 4.17
C GLU G 52 -3.99 2.96 4.74
N SER G 53 -3.31 2.43 5.77
CA SER G 53 -2.26 3.16 6.45
C SER G 53 -1.28 2.17 7.05
N GLY G 54 -0.04 2.21 6.62
CA GLY G 54 0.78 1.03 6.82
C GLY G 54 0.08 -0.11 6.14
N ASN G 55 -0.05 -1.22 6.85
CA ASN G 55 -0.84 -2.36 6.40
C ASN G 55 -2.21 -2.44 7.08
N GLN G 56 -2.61 -1.37 7.77
CA GLN G 56 -3.95 -1.25 8.36
C GLN G 56 -4.99 -0.83 7.32
N GLN G 57 -6.14 -1.48 7.34
CA GLN G 57 -7.24 -1.13 6.47
C GLN G 57 -8.46 -0.71 7.29
N SER G 58 -9.21 0.25 6.76
CA SER G 58 -10.44 0.73 7.36
C SER G 58 -11.50 0.76 6.27
N LEU G 59 -12.48 -0.11 6.35
CA LEU G 59 -13.63 0.07 5.49
C LEU G 59 -14.52 1.10 6.15
N ILE G 60 -14.58 2.30 5.59
CA ILE G 60 -15.32 3.44 6.17
C ILE G 60 -16.62 3.62 5.41
N TYR G 61 -17.73 3.76 6.14
CA TYR G 61 -18.98 4.06 5.47
C TYR G 61 -19.07 5.56 5.19
N LYS G 62 -19.46 5.90 3.97
CA LYS G 62 -19.55 7.32 3.63
C LYS G 62 -20.50 8.05 4.57
N HIS G 63 -21.62 7.42 4.96
CA HIS G 63 -22.57 8.12 5.82
C HIS G 63 -21.97 8.51 7.16
N ALA G 64 -20.86 7.88 7.56
CA ALA G 64 -20.19 8.27 8.80
C ALA G 64 -19.16 9.36 8.59
N ILE G 65 -18.85 9.71 7.33
CA ILE G 65 -17.78 10.65 7.02
C ILE G 65 -18.37 12.06 7.03
N SER G 66 -17.71 12.96 7.72
CA SER G 66 -18.16 14.33 7.59
C SER G 66 -17.30 15.10 6.61
N THR G 67 -15.99 14.90 6.66
CA THR G 67 -15.06 15.74 5.90
C THR G 67 -13.83 14.94 5.54
N ILE G 68 -13.27 15.24 4.37
CA ILE G 68 -11.96 14.74 3.96
C ILE G 68 -11.04 15.93 3.69
N ILE G 69 -9.85 15.91 4.30
CA ILE G 69 -8.89 17.00 4.07
C ILE G 69 -7.56 16.44 3.55
N PRO G 70 -7.25 16.68 2.28
CA PRO G 70 -6.04 16.10 1.70
C PRO G 70 -4.80 16.88 2.12
N SER G 71 -3.66 16.17 2.05
CA SER G 71 -2.34 16.70 2.41
C SER G 71 -1.79 17.71 1.41
N SER G 72 -2.40 17.83 0.23
CA SER G 72 -1.83 18.61 -0.84
C SER G 72 -2.97 19.15 -1.66
N TYR G 73 -2.75 20.29 -2.29
CA TYR G 73 -3.79 20.86 -3.12
C TYR G 73 -4.12 19.91 -4.27
N VAL G 74 -5.42 19.77 -4.53
CA VAL G 74 -5.93 19.04 -5.68
C VAL G 74 -6.40 20.08 -6.68
N MET G 75 -6.25 19.80 -7.99
CA MET G 75 -6.58 20.79 -9.00
C MET G 75 -7.79 20.44 -9.87
N LEU G 76 -8.10 19.17 -10.10
CA LEU G 76 -9.33 18.88 -10.85
C LEU G 76 -10.48 18.29 -10.01
N ASN H 11 -19.77 -3.11 -5.31
CA ASN H 11 -18.69 -4.10 -5.44
C ASN H 11 -17.78 -4.07 -4.24
N LEU H 12 -17.04 -2.96 -4.08
CA LEU H 12 -16.05 -2.85 -3.02
C LEU H 12 -16.62 -3.30 -1.68
N GLN H 13 -17.74 -2.73 -1.27
CA GLN H 13 -18.27 -3.04 0.05
C GLN H 13 -18.61 -4.51 0.17
N ASP H 14 -19.36 -5.05 -0.79
CA ASP H 14 -19.85 -6.42 -0.65
C ASP H 14 -18.70 -7.44 -0.74
N ARG H 15 -17.81 -7.27 -1.72
CA ARG H 15 -16.67 -8.19 -1.86
C ARG H 15 -15.79 -8.17 -0.61
N PHE H 16 -15.54 -6.99 -0.07
CA PHE H 16 -14.77 -6.88 1.17
C PHE H 16 -15.47 -7.63 2.31
N LEU H 17 -16.73 -7.28 2.58
CA LEU H 17 -17.47 -7.98 3.63
C LEU H 17 -17.51 -9.49 3.35
N ASN H 18 -17.70 -9.88 2.08
CA ASN H 18 -17.83 -11.29 1.79
C ASN H 18 -16.50 -12.01 1.89
N HIS H 19 -15.42 -11.33 1.47
CA HIS H 19 -14.09 -11.81 1.81
C HIS H 19 -14.01 -12.13 3.30
N LEU H 20 -14.35 -11.17 4.16
CA LEU H 20 -14.25 -11.38 5.59
C LEU H 20 -15.10 -12.53 6.08
N ARG H 21 -16.26 -12.77 5.46
CA ARG H 21 -17.14 -13.83 5.96
C ARG H 21 -16.58 -15.22 5.69
N VAL H 22 -16.28 -15.51 4.42
CA VAL H 22 -15.81 -16.84 4.02
C VAL H 22 -14.51 -17.18 4.72
N ASN H 23 -13.61 -16.23 4.85
CA ASN H 23 -12.30 -16.51 5.43
C ASN H 23 -12.27 -16.38 6.95
N LYS H 24 -13.42 -16.16 7.60
CA LYS H 24 -13.50 -16.10 9.07
C LYS H 24 -12.44 -15.18 9.69
N ILE H 25 -12.33 -13.97 9.15
CA ILE H 25 -11.44 -12.95 9.70
C ILE H 25 -12.20 -12.18 10.76
N GLU H 26 -11.65 -12.12 11.97
CA GLU H 26 -12.24 -11.32 13.02
C GLU H 26 -12.14 -9.87 12.62
N VAL H 27 -13.20 -9.10 12.91
CA VAL H 27 -13.21 -7.67 12.64
C VAL H 27 -13.55 -6.90 13.93
N LYS H 28 -12.94 -5.72 14.04
CA LYS H 28 -13.39 -4.73 14.99
C LYS H 28 -14.35 -3.79 14.26
N VAL H 29 -15.57 -3.64 14.80
CA VAL H 29 -16.62 -2.86 14.16
C VAL H 29 -16.89 -1.65 15.03
N TYR H 30 -16.98 -0.47 14.39
CA TYR H 30 -17.15 0.81 15.05
C TYR H 30 -18.49 1.42 14.71
N LEU H 31 -19.24 1.80 15.75
CA LEU H 31 -20.53 2.41 15.54
C LEU H 31 -20.38 3.94 15.55
N VAL H 32 -21.32 4.64 14.91
CA VAL H 32 -21.24 6.09 14.92
C VAL H 32 -21.33 6.63 16.34
N ASN H 33 -21.99 5.91 17.25
CA ASN H 33 -21.99 6.37 18.63
C ASN H 33 -20.70 6.00 19.39
N GLY H 34 -19.62 5.67 18.69
CA GLY H 34 -18.36 5.46 19.38
C GLY H 34 -18.09 4.06 19.88
N PHE H 35 -19.13 3.32 20.23
CA PHE H 35 -18.91 2.00 20.77
C PHE H 35 -18.38 1.06 19.69
N GLN H 36 -17.60 0.08 20.14
CA GLN H 36 -16.97 -0.94 19.31
C GLN H 36 -17.59 -2.30 19.62
N THR H 37 -17.17 -3.29 18.83
CA THR H 37 -17.67 -4.66 18.96
C THR H 37 -16.76 -5.57 18.12
N LYS H 38 -16.32 -6.67 18.71
CA LYS H 38 -15.47 -7.63 18.02
C LYS H 38 -16.28 -8.85 17.65
N GLY H 39 -15.96 -9.44 16.50
CA GLY H 39 -16.67 -10.63 16.09
C GLY H 39 -16.41 -10.96 14.64
N PHE H 40 -17.26 -11.83 14.11
CA PHE H 40 -17.05 -12.43 12.79
C PHE H 40 -18.27 -12.17 11.94
N ILE H 41 -18.07 -11.61 10.75
CA ILE H 41 -19.19 -11.52 9.80
C ILE H 41 -19.69 -12.93 9.54
N ARG H 42 -20.85 -13.30 10.11
CA ARG H 42 -21.46 -14.58 9.75
C ARG H 42 -22.43 -14.45 8.59
N SER H 43 -22.92 -13.25 8.32
CA SER H 43 -23.73 -12.98 7.14
C SER H 43 -23.99 -11.48 7.09
N PHE H 44 -24.53 -11.01 5.98
CA PHE H 44 -24.88 -9.62 5.79
C PHE H 44 -25.83 -9.50 4.61
N ASP H 45 -26.66 -8.46 4.63
CA ASP H 45 -27.56 -8.18 3.51
C ASP H 45 -27.40 -6.70 3.15
N SER H 46 -28.36 -6.17 2.37
CA SER H 46 -28.24 -4.79 1.92
C SER H 46 -28.19 -3.80 3.08
N TYR H 47 -28.84 -4.10 4.21
CA TYR H 47 -29.00 -3.12 5.28
C TYR H 47 -28.44 -3.55 6.62
N THR H 48 -28.08 -4.81 6.81
CA THR H 48 -27.59 -5.26 8.10
C THR H 48 -26.39 -6.17 7.92
N VAL H 49 -25.63 -6.29 9.00
CA VAL H 49 -24.59 -7.28 9.16
C VAL H 49 -24.87 -8.06 10.44
N LEU H 50 -24.66 -9.38 10.41
CA LEU H 50 -24.83 -10.22 11.58
C LEU H 50 -23.45 -10.59 12.09
N LEU H 51 -23.14 -10.16 13.31
CA LEU H 51 -21.79 -10.26 13.86
C LEU H 51 -21.84 -11.18 15.07
N GLU H 52 -21.04 -12.23 15.04
CA GLU H 52 -21.10 -13.33 16.01
C GLU H 52 -19.82 -13.33 16.82
N SER H 53 -19.95 -13.40 18.15
CA SER H 53 -18.79 -13.43 19.03
C SER H 53 -19.15 -14.18 20.32
N GLY H 54 -18.24 -15.02 20.82
CA GLY H 54 -18.73 -16.06 21.71
C GLY H 54 -19.81 -16.81 20.93
N ASN H 55 -20.95 -17.06 21.55
CA ASN H 55 -22.10 -17.20 20.67
C ASN H 55 -23.27 -16.31 21.12
N GLN H 56 -22.92 -15.09 21.50
CA GLN H 56 -23.79 -13.93 21.32
C GLN H 56 -23.83 -13.52 19.85
N GLN H 57 -25.01 -13.20 19.37
CA GLN H 57 -25.14 -12.60 18.05
C GLN H 57 -25.49 -11.13 18.19
N SER H 58 -25.28 -10.41 17.09
CA SER H 58 -25.64 -9.00 16.99
C SER H 58 -26.15 -8.80 15.59
N LEU H 59 -27.39 -8.37 15.45
CA LEU H 59 -27.79 -7.76 14.20
C LEU H 59 -27.39 -6.28 14.28
N ILE H 60 -26.51 -5.85 13.39
CA ILE H 60 -26.05 -4.47 13.35
C ILE H 60 -26.54 -3.84 12.06
N TYR H 61 -27.13 -2.66 12.18
CA TYR H 61 -27.59 -1.92 11.02
C TYR H 61 -26.40 -1.17 10.47
N LYS H 62 -26.15 -1.34 9.16
CA LYS H 62 -25.06 -0.61 8.54
C LYS H 62 -25.15 0.90 8.79
N HIS H 63 -26.36 1.49 8.71
CA HIS H 63 -26.45 2.94 8.89
C HIS H 63 -25.87 3.36 10.22
N ALA H 64 -25.69 2.43 11.17
CA ALA H 64 -25.06 2.72 12.45
C ALA H 64 -23.58 2.38 12.49
N ILE H 65 -23.04 1.76 11.43
CA ILE H 65 -21.62 1.40 11.39
C ILE H 65 -20.80 2.57 10.86
N SER H 66 -19.78 2.95 11.61
CA SER H 66 -18.80 3.96 11.18
C SER H 66 -17.68 3.35 10.33
N THR H 67 -16.93 2.41 10.90
CA THR H 67 -15.89 1.74 10.13
C THR H 67 -15.77 0.26 10.53
N ILE H 68 -15.26 -0.55 9.61
CA ILE H 68 -14.98 -1.96 9.86
C ILE H 68 -13.46 -2.17 9.70
N ILE H 69 -12.79 -2.62 10.75
CA ILE H 69 -11.34 -2.80 10.71
C ILE H 69 -11.01 -4.27 10.89
N PRO H 70 -10.54 -4.98 9.86
CA PRO H 70 -10.25 -6.40 10.03
C PRO H 70 -8.94 -6.66 10.78
N SER H 71 -8.80 -7.91 11.25
CA SER H 71 -7.60 -8.37 11.93
C SER H 71 -6.44 -8.59 10.97
N SER H 72 -6.73 -9.23 9.85
CA SER H 72 -5.77 -9.60 8.82
C SER H 72 -6.00 -8.72 7.59
N TYR H 73 -4.92 -8.31 6.96
CA TYR H 73 -5.00 -7.64 5.67
C TYR H 73 -5.85 -8.42 4.68
N VAL H 74 -6.71 -7.70 3.98
CA VAL H 74 -7.61 -8.27 2.97
C VAL H 74 -7.17 -7.76 1.61
N MET H 75 -6.80 -8.68 0.71
CA MET H 75 -6.56 -8.31 -0.67
C MET H 75 -7.69 -8.87 -1.52
N LEU H 76 -8.04 -8.16 -2.59
CA LEU H 76 -9.14 -8.60 -3.45
C LEU H 76 -8.68 -8.80 -4.90
N ASN I 11 -33.87 -9.78 3.07
CA ASN I 11 -33.12 -11.03 3.09
C ASN I 11 -32.79 -11.43 4.54
N LEU I 12 -31.50 -11.37 4.91
CA LEU I 12 -31.08 -11.72 6.27
C LEU I 12 -31.87 -10.95 7.32
N GLN I 13 -32.14 -9.66 7.05
CA GLN I 13 -32.80 -8.86 8.04
C GLN I 13 -34.18 -9.43 8.34
N ASP I 14 -34.97 -9.69 7.30
CA ASP I 14 -36.34 -10.11 7.51
C ASP I 14 -36.43 -11.53 8.05
N ARG I 15 -35.46 -12.39 7.73
CA ARG I 15 -35.48 -13.74 8.30
C ARG I 15 -35.14 -13.70 9.78
N PHE I 16 -34.11 -12.94 10.15
CA PHE I 16 -33.74 -12.82 11.55
C PHE I 16 -34.88 -12.21 12.38
N LEU I 17 -35.69 -11.32 11.78
CA LEU I 17 -36.72 -10.64 12.56
C LEU I 17 -37.95 -11.51 12.75
N ASN I 18 -38.40 -12.19 11.69
CA ASN I 18 -39.49 -13.14 11.83
C ASN I 18 -39.13 -14.21 12.85
N HIS I 19 -37.91 -14.73 12.78
CA HIS I 19 -37.52 -15.77 13.71
C HIS I 19 -37.71 -15.32 15.14
N LEU I 20 -37.34 -14.07 15.44
CA LEU I 20 -37.44 -13.59 16.81
C LEU I 20 -38.88 -13.28 17.20
N ARG I 21 -39.71 -12.90 16.22
CA ARG I 21 -41.10 -12.63 16.51
C ARG I 21 -41.90 -13.90 16.66
N VAL I 22 -41.66 -14.87 15.76
CA VAL I 22 -42.43 -16.10 15.74
C VAL I 22 -42.13 -16.95 16.98
N ASN I 23 -40.86 -17.28 17.20
CA ASN I 23 -40.40 -18.00 18.37
C ASN I 23 -40.33 -17.13 19.62
N LYS I 24 -40.71 -15.86 19.51
CA LYS I 24 -41.00 -15.04 20.68
C LYS I 24 -39.81 -14.95 21.65
N ILE I 25 -38.59 -14.82 21.09
CA ILE I 25 -37.39 -14.52 21.87
C ILE I 25 -37.36 -13.05 22.24
N GLU I 26 -36.87 -12.76 23.43
CA GLU I 26 -36.68 -11.39 23.86
C GLU I 26 -35.38 -10.84 23.30
N VAL I 27 -35.43 -9.58 22.86
CA VAL I 27 -34.26 -8.88 22.33
C VAL I 27 -33.90 -7.73 23.27
N LYS I 28 -32.65 -7.30 23.19
CA LYS I 28 -32.25 -5.99 23.71
C LYS I 28 -31.93 -5.12 22.51
N VAL I 29 -32.62 -3.99 22.37
CA VAL I 29 -32.49 -3.12 21.20
C VAL I 29 -31.70 -1.89 21.61
N TYR I 30 -30.55 -1.70 20.96
CA TYR I 30 -29.67 -0.56 21.23
C TYR I 30 -29.93 0.55 20.23
N LEU I 31 -30.17 1.76 20.74
CA LEU I 31 -30.43 2.90 19.87
C LEU I 31 -29.13 3.60 19.50
N VAL I 32 -29.12 4.24 18.32
CA VAL I 32 -27.95 5.00 17.91
C VAL I 32 -27.59 6.03 18.98
N ASN I 33 -28.60 6.66 19.60
CA ASN I 33 -28.29 7.67 20.60
C ASN I 33 -27.63 7.10 21.86
N GLY I 34 -27.55 5.77 22.02
CA GLY I 34 -26.96 5.15 23.18
C GLY I 34 -27.96 4.43 24.07
N PHE I 35 -29.18 4.95 24.18
CA PHE I 35 -30.22 4.32 24.98
C PHE I 35 -30.43 2.87 24.56
N GLN I 36 -31.12 2.11 25.42
CA GLN I 36 -31.48 0.75 25.07
C GLN I 36 -32.84 0.42 25.66
N THR I 37 -33.48 -0.55 25.05
CA THR I 37 -34.81 -0.98 25.42
C THR I 37 -34.84 -2.49 25.35
N LYS I 38 -35.88 -3.10 25.91
CA LYS I 38 -35.97 -4.54 26.03
C LYS I 38 -37.39 -4.99 25.74
N GLY I 39 -37.56 -6.06 24.97
CA GLY I 39 -38.90 -6.56 24.72
C GLY I 39 -38.93 -7.59 23.61
N PHE I 40 -40.10 -7.70 22.98
CA PHE I 40 -40.40 -8.76 22.02
C PHE I 40 -40.88 -8.14 20.73
N ILE I 41 -40.31 -8.55 19.60
CA ILE I 41 -40.79 -8.01 18.34
C ILE I 41 -42.17 -8.58 18.06
N ARG I 42 -43.19 -7.71 18.05
CA ARG I 42 -44.52 -8.14 17.69
C ARG I 42 -44.77 -7.97 16.20
N SER I 43 -44.15 -6.97 15.58
CA SER I 43 -44.42 -6.74 14.18
C SER I 43 -43.24 -5.94 13.65
N PHE I 44 -43.18 -5.81 12.32
CA PHE I 44 -42.21 -4.90 11.73
C PHE I 44 -42.51 -4.73 10.26
N ASP I 45 -41.99 -3.65 9.69
CA ASP I 45 -42.12 -3.34 8.28
C ASP I 45 -40.79 -2.75 7.84
N SER I 46 -40.78 -2.00 6.74
CA SER I 46 -39.53 -1.53 6.20
C SER I 46 -38.86 -0.53 7.13
N TYR I 47 -39.65 0.21 7.91
CA TYR I 47 -39.10 1.35 8.62
C TYR I 47 -39.25 1.31 10.12
N THR I 48 -40.10 0.43 10.66
CA THR I 48 -40.34 0.42 12.10
C THR I 48 -40.35 -1.02 12.63
N VAL I 49 -40.06 -1.12 13.92
CA VAL I 49 -40.22 -2.35 14.68
C VAL I 49 -41.20 -2.08 15.82
N LEU I 50 -42.17 -2.95 15.99
CA LEU I 50 -43.12 -2.83 17.10
C LEU I 50 -42.64 -3.70 18.25
N LEU I 51 -42.19 -3.06 19.32
CA LEU I 51 -41.56 -3.73 20.44
C LEU I 51 -42.52 -3.68 21.61
N GLU I 52 -42.84 -4.83 22.18
CA GLU I 52 -43.67 -4.83 23.37
C GLU I 52 -42.89 -5.41 24.54
N SER I 53 -42.98 -4.71 25.67
CA SER I 53 -42.55 -5.22 26.95
C SER I 53 -43.67 -4.94 27.93
N GLY I 54 -44.26 -6.00 28.46
CA GLY I 54 -45.32 -5.87 29.42
C GLY I 54 -46.50 -5.20 28.74
N ASN I 55 -46.92 -4.09 29.32
CA ASN I 55 -48.05 -3.34 28.83
C ASN I 55 -47.65 -2.22 27.87
N GLN I 56 -46.36 -2.00 27.67
CA GLN I 56 -45.88 -0.86 26.90
C GLN I 56 -45.51 -1.29 25.49
N GLN I 57 -46.01 -0.55 24.50
CA GLN I 57 -45.59 -0.72 23.13
C GLN I 57 -44.69 0.44 22.72
N SER I 58 -43.66 0.11 21.92
CA SER I 58 -42.71 1.08 21.39
C SER I 58 -42.67 0.85 19.89
N LEU I 59 -43.27 1.74 19.12
CA LEU I 59 -42.94 1.80 17.71
C LEU I 59 -41.55 2.43 17.59
N ILE I 60 -40.59 1.68 17.04
CA ILE I 60 -39.21 2.11 16.99
C ILE I 60 -38.81 2.25 15.55
N TYR I 61 -38.20 3.38 15.21
CA TYR I 61 -37.79 3.59 13.83
C TYR I 61 -36.46 2.89 13.63
N LYS I 62 -36.38 2.07 12.56
CA LYS I 62 -35.15 1.35 12.29
C LYS I 62 -33.96 2.31 12.19
N HIS I 63 -34.14 3.46 11.55
CA HIS I 63 -33.00 4.34 11.33
C HIS I 63 -32.36 4.80 12.63
N ALA I 64 -33.05 4.59 13.76
CA ALA I 64 -32.55 4.89 15.09
C ALA I 64 -31.97 3.68 15.78
N ILE I 65 -32.16 2.47 15.24
CA ILE I 65 -31.60 1.29 15.89
C ILE I 65 -30.17 1.11 15.45
N SER I 66 -29.31 0.76 16.41
CA SER I 66 -27.92 0.43 16.19
C SER I 66 -27.69 -1.08 16.14
N THR I 67 -28.19 -1.79 17.13
CA THR I 67 -27.96 -3.22 17.29
C THR I 67 -29.17 -3.88 17.95
N ILE I 68 -29.46 -5.09 17.52
CA ILE I 68 -30.44 -5.99 18.13
C ILE I 68 -29.67 -7.21 18.63
N ILE I 69 -29.74 -7.49 19.93
CA ILE I 69 -28.99 -8.59 20.56
C ILE I 69 -29.99 -9.58 21.17
N PRO I 70 -30.32 -10.65 20.46
CA PRO I 70 -31.24 -11.67 21.00
C PRO I 70 -30.74 -12.29 22.30
N SER I 71 -31.71 -12.76 23.09
CA SER I 71 -31.41 -13.38 24.38
C SER I 71 -31.03 -14.86 24.27
N SER I 72 -31.17 -15.46 23.09
CA SER I 72 -30.70 -16.81 22.86
C SER I 72 -30.35 -16.97 21.39
N TYR I 73 -29.45 -17.93 21.10
CA TYR I 73 -28.92 -18.13 19.76
C TYR I 73 -30.04 -18.31 18.73
N VAL I 74 -29.76 -17.91 17.49
CA VAL I 74 -30.80 -17.88 16.46
C VAL I 74 -30.38 -18.71 15.24
N MET I 75 -31.34 -19.51 14.74
CA MET I 75 -31.22 -20.48 13.64
C MET I 75 -29.85 -21.11 13.56
N ASN J 11 -48.34 -2.50 5.95
CA ASN J 11 -47.61 -1.37 6.46
C ASN J 11 -47.95 -1.11 7.91
N LEU J 12 -47.10 -1.65 8.81
CA LEU J 12 -47.26 -1.45 10.24
C LEU J 12 -47.26 0.01 10.63
N GLN J 13 -46.36 0.79 10.05
CA GLN J 13 -46.19 2.16 10.51
C GLN J 13 -47.46 2.98 10.30
N ASP J 14 -48.08 2.82 9.13
CA ASP J 14 -49.29 3.59 8.84
C ASP J 14 -50.47 3.14 9.69
N ARG J 15 -50.70 1.83 9.76
CA ARG J 15 -51.79 1.33 10.57
C ARG J 15 -51.66 1.82 12.02
N PHE J 16 -50.44 1.91 12.52
CA PHE J 16 -50.25 2.27 13.93
C PHE J 16 -50.41 3.77 14.14
N LEU J 17 -49.67 4.58 13.38
CA LEU J 17 -49.85 6.02 13.44
C LEU J 17 -51.30 6.40 13.14
N ASN J 18 -51.87 5.83 12.08
CA ASN J 18 -53.22 6.23 11.70
C ASN J 18 -54.24 5.80 12.74
N HIS J 19 -54.06 4.62 13.34
CA HIS J 19 -54.87 4.22 14.49
C HIS J 19 -54.80 5.27 15.59
N LEU J 20 -53.58 5.69 15.96
CA LEU J 20 -53.41 6.70 16.99
C LEU J 20 -54.07 8.04 16.65
N ARG J 21 -54.29 8.30 15.35
CA ARG J 21 -54.85 9.58 14.94
C ARG J 21 -56.37 9.57 15.04
N VAL J 22 -56.98 8.56 14.43
CA VAL J 22 -58.43 8.36 14.47
C VAL J 22 -58.94 8.23 15.90
N ASN J 23 -58.23 7.51 16.74
CA ASN J 23 -58.69 7.34 18.10
C ASN J 23 -58.16 8.41 19.04
N LYS J 24 -57.45 9.40 18.51
CA LYS J 24 -56.93 10.53 19.29
C LYS J 24 -56.33 10.08 20.63
N ILE J 25 -55.38 9.13 20.56
CA ILE J 25 -54.64 8.64 21.73
C ILE J 25 -53.39 9.49 21.92
N GLU J 26 -53.13 9.92 23.16
CA GLU J 26 -51.94 10.74 23.37
C GLU J 26 -50.72 9.84 23.31
N VAL J 27 -49.69 10.31 22.61
CA VAL J 27 -48.44 9.58 22.48
C VAL J 27 -47.32 10.45 23.00
N LYS J 28 -46.28 9.78 23.47
CA LYS J 28 -45.00 10.39 23.81
C LYS J 28 -44.01 10.06 22.70
N VAL J 29 -43.28 11.07 22.22
CA VAL J 29 -42.38 10.92 21.07
C VAL J 29 -40.96 11.14 21.52
N TYR J 30 -40.12 10.12 21.41
CA TYR J 30 -38.71 10.24 21.79
C TYR J 30 -37.88 10.60 20.55
N LEU J 31 -37.17 11.72 20.61
CA LEU J 31 -36.32 12.17 19.50
C LEU J 31 -34.92 11.58 19.60
N VAL J 32 -34.26 11.39 18.45
CA VAL J 32 -32.93 10.77 18.44
C VAL J 32 -31.99 11.51 19.38
N ASN J 33 -32.15 12.82 19.51
CA ASN J 33 -31.25 13.63 20.32
C ASN J 33 -31.55 13.59 21.83
N GLY J 34 -32.33 12.63 22.33
CA GLY J 34 -32.67 12.57 23.74
C GLY J 34 -33.93 13.33 24.17
N PHE J 35 -34.28 14.43 23.49
CA PHE J 35 -35.51 15.17 23.80
C PHE J 35 -36.74 14.30 23.64
N GLN J 36 -37.81 14.68 24.34
CA GLN J 36 -39.08 13.98 24.19
C GLN J 36 -40.20 14.99 24.17
N THR J 37 -41.37 14.56 23.69
CA THR J 37 -42.49 15.47 23.47
C THR J 37 -43.78 14.66 23.50
N LYS J 38 -44.84 15.25 24.05
CA LYS J 38 -46.14 14.59 24.16
C LYS J 38 -47.14 15.37 23.34
N GLY J 39 -48.15 14.66 22.87
CA GLY J 39 -49.18 15.29 22.06
C GLY J 39 -50.01 14.23 21.37
N PHE J 40 -50.88 14.70 20.50
CA PHE J 40 -51.72 13.87 19.66
C PHE J 40 -51.21 13.99 18.24
N ILE J 41 -51.09 12.85 17.59
CA ILE J 41 -50.82 12.86 16.16
C ILE J 41 -52.04 13.46 15.48
N ARG J 42 -51.84 14.52 14.71
CA ARG J 42 -52.97 15.01 13.95
C ARG J 42 -52.81 14.84 12.45
N SER J 43 -51.59 14.68 11.96
CA SER J 43 -51.41 14.28 10.58
C SER J 43 -50.04 13.63 10.43
N PHE J 44 -49.85 12.97 9.30
CA PHE J 44 -48.55 12.45 8.97
C PHE J 44 -48.51 12.13 7.49
N ASP J 45 -47.32 12.26 6.91
CA ASP J 45 -47.05 11.90 5.52
C ASP J 45 -45.81 11.03 5.54
N SER J 46 -44.98 11.10 4.50
CA SER J 46 -43.86 10.19 4.44
C SER J 46 -42.71 10.63 5.33
N TYR J 47 -42.45 11.92 5.40
CA TYR J 47 -41.29 12.39 6.11
C TYR J 47 -41.60 13.08 7.43
N THR J 48 -42.85 13.47 7.66
CA THR J 48 -43.10 14.26 8.85
C THR J 48 -44.36 13.77 9.54
N VAL J 49 -44.51 14.27 10.76
CA VAL J 49 -45.63 13.96 11.63
C VAL J 49 -46.08 15.28 12.24
N LEU J 50 -47.35 15.64 12.06
CA LEU J 50 -47.89 16.82 12.72
C LEU J 50 -48.36 16.40 14.11
N LEU J 51 -47.64 16.82 15.13
CA LEU J 51 -47.96 16.53 16.51
C LEU J 51 -48.63 17.76 17.11
N GLU J 52 -49.62 17.55 17.96
CA GLU J 52 -50.25 18.74 18.51
C GLU J 52 -50.58 18.57 19.98
N SER J 53 -50.35 19.62 20.75
CA SER J 53 -50.47 19.54 22.20
C SER J 53 -50.90 20.90 22.75
N GLY J 54 -52.07 20.94 23.39
CA GLY J 54 -52.58 22.16 23.96
C GLY J 54 -52.59 23.32 22.98
N ASN J 55 -53.19 23.09 21.81
CA ASN J 55 -53.34 24.07 20.75
C ASN J 55 -52.02 24.47 20.09
N GLN J 56 -50.88 23.93 20.54
CA GLN J 56 -49.59 24.15 19.91
C GLN J 56 -49.28 23.04 18.90
N GLN J 57 -48.76 23.40 17.74
CA GLN J 57 -48.35 22.38 16.78
C GLN J 57 -46.83 22.24 16.74
N SER J 58 -46.41 21.09 16.24
CA SER J 58 -45.03 20.69 16.12
C SER J 58 -44.98 19.83 14.87
N LEU J 59 -44.26 20.28 13.86
CA LEU J 59 -43.99 19.41 12.72
C LEU J 59 -42.65 18.75 13.01
N ILE J 60 -42.66 17.43 13.14
CA ILE J 60 -41.50 16.65 13.53
C ILE J 60 -41.09 15.82 12.34
N TYR J 61 -39.81 15.83 12.02
CA TYR J 61 -39.28 15.06 10.91
C TYR J 61 -39.09 13.63 11.39
N LYS J 62 -39.72 12.68 10.68
CA LYS J 62 -39.62 11.28 11.09
C LYS J 62 -38.18 10.85 11.29
N HIS J 63 -37.26 11.34 10.44
CA HIS J 63 -35.87 10.95 10.63
C HIS J 63 -35.31 11.37 11.98
N ALA J 64 -35.98 12.25 12.73
CA ALA J 64 -35.47 12.63 14.02
C ALA J 64 -36.12 11.86 15.16
N ILE J 65 -37.04 10.94 14.82
CA ILE J 65 -37.76 10.19 15.82
C ILE J 65 -37.05 8.86 16.05
N SER J 66 -36.76 8.53 17.30
CA SER J 66 -36.39 7.15 17.58
C SER J 66 -37.62 6.32 17.95
N THR J 67 -38.38 6.76 18.95
CA THR J 67 -39.38 5.91 19.58
C THR J 67 -40.67 6.71 19.75
N ILE J 68 -41.81 6.09 19.44
CA ILE J 68 -43.15 6.61 19.75
C ILE J 68 -43.81 5.65 20.74
N ILE J 69 -44.23 6.15 21.90
CA ILE J 69 -44.86 5.33 22.92
C ILE J 69 -46.25 5.88 23.21
N PRO J 70 -47.27 5.21 22.71
CA PRO J 70 -48.65 5.58 23.09
C PRO J 70 -48.85 5.55 24.60
N SER J 71 -49.98 6.09 25.02
CA SER J 71 -50.40 6.06 26.40
C SER J 71 -51.49 5.02 26.68
N SER J 72 -52.10 4.45 25.66
CA SER J 72 -53.03 3.35 25.84
C SER J 72 -52.73 2.27 24.83
N TYR J 73 -53.11 1.04 25.19
CA TYR J 73 -52.85 -0.09 24.34
C TYR J 73 -53.46 0.10 22.95
N VAL J 74 -52.76 -0.44 21.95
CA VAL J 74 -53.14 -0.33 20.54
C VAL J 74 -53.20 -1.74 19.97
N MET J 75 -54.34 -2.06 19.36
CA MET J 75 -54.63 -3.38 18.81
C MET J 75 -54.95 -3.24 17.32
N LEU J 76 -54.11 -3.80 16.47
CA LEU J 76 -54.34 -3.70 15.03
C LEU J 76 -54.79 -5.06 14.50
N ASN K 11 -50.09 16.91 0.23
CA ASN K 11 -48.90 16.49 0.97
C ASN K 11 -48.66 17.38 2.20
N LEU K 12 -48.46 16.74 3.35
CA LEU K 12 -48.44 17.46 4.62
C LEU K 12 -47.23 18.40 4.73
N GLN K 13 -46.01 17.90 4.49
CA GLN K 13 -44.85 18.74 4.76
C GLN K 13 -44.85 20.00 3.89
N ASP K 14 -45.14 19.87 2.60
CA ASP K 14 -45.08 21.05 1.74
C ASP K 14 -46.19 22.05 2.08
N ARG K 15 -47.40 21.57 2.31
CA ARG K 15 -48.47 22.49 2.70
C ARG K 15 -48.16 23.21 4.00
N PHE K 16 -47.58 22.51 4.97
CA PHE K 16 -47.27 23.18 6.23
C PHE K 16 -46.23 24.29 6.04
N LEU K 17 -45.14 24.02 5.30
CA LEU K 17 -44.11 25.04 5.15
C LEU K 17 -44.51 26.13 4.19
N ASN K 18 -45.30 25.79 3.17
CA ASN K 18 -45.76 26.84 2.30
C ASN K 18 -46.64 27.83 3.06
N HIS K 19 -47.50 27.32 3.93
CA HIS K 19 -48.30 28.16 4.80
C HIS K 19 -47.44 29.01 5.73
N LEU K 20 -46.40 28.41 6.33
CA LEU K 20 -45.51 29.23 7.14
C LEU K 20 -44.81 30.30 6.31
N ARG K 21 -44.57 30.03 5.02
CA ARG K 21 -43.88 30.96 4.14
C ARG K 21 -44.81 32.07 3.65
N VAL K 22 -45.85 31.68 2.89
CA VAL K 22 -46.84 32.61 2.34
C VAL K 22 -47.37 33.56 3.42
N ASN K 23 -47.74 33.03 4.58
CA ASN K 23 -48.33 33.83 5.64
C ASN K 23 -47.31 34.48 6.56
N LYS K 24 -46.02 34.43 6.23
CA LYS K 24 -44.95 35.09 7.00
C LYS K 24 -45.03 34.79 8.50
N ILE K 25 -45.37 33.55 8.86
CA ILE K 25 -45.37 33.13 10.26
C ILE K 25 -43.95 32.84 10.73
N GLU K 26 -43.57 33.44 11.85
CA GLU K 26 -42.28 33.12 12.44
C GLU K 26 -42.32 31.69 12.97
N VAL K 27 -41.21 30.98 12.81
CA VAL K 27 -41.15 29.61 13.30
C VAL K 27 -39.90 29.43 14.13
N LYS K 28 -39.91 28.41 14.98
CA LYS K 28 -38.73 28.06 15.74
C LYS K 28 -38.31 26.67 15.30
N VAL K 29 -37.04 26.57 14.92
CA VAL K 29 -36.47 25.37 14.33
C VAL K 29 -35.49 24.78 15.33
N TYR K 30 -35.77 23.55 15.76
CA TYR K 30 -34.83 22.77 16.55
C TYR K 30 -33.99 21.86 15.67
N LEU K 31 -32.69 21.80 15.94
CA LEU K 31 -31.85 20.88 15.18
C LEU K 31 -31.64 19.58 15.95
N VAL K 32 -31.31 18.51 15.20
CA VAL K 32 -31.00 17.22 15.82
C VAL K 32 -29.79 17.28 16.75
N ASN K 33 -29.00 18.35 16.71
CA ASN K 33 -27.88 18.51 17.62
C ASN K 33 -28.20 19.37 18.84
N GLY K 34 -29.40 19.93 18.93
CA GLY K 34 -29.83 20.69 20.08
C GLY K 34 -29.86 22.20 19.88
N PHE K 35 -29.15 22.74 18.88
CA PHE K 35 -29.25 24.17 18.60
C PHE K 35 -30.67 24.48 18.14
N GLN K 36 -30.98 25.77 18.06
CA GLN K 36 -32.31 26.22 17.66
C GLN K 36 -32.15 27.48 16.83
N THR K 37 -33.22 27.90 16.18
CA THR K 37 -33.23 29.19 15.49
C THR K 37 -34.67 29.67 15.39
N LYS K 38 -34.86 30.96 15.60
CA LYS K 38 -36.08 31.62 15.17
C LYS K 38 -35.83 32.25 13.81
N GLY K 39 -36.90 32.41 13.04
CA GLY K 39 -36.77 33.09 11.77
C GLY K 39 -38.04 32.91 10.96
N PHE K 40 -37.98 33.39 9.74
CA PHE K 40 -39.08 33.23 8.80
C PHE K 40 -38.60 32.33 7.70
N ILE K 41 -39.42 31.37 7.32
CA ILE K 41 -39.11 30.60 6.13
C ILE K 41 -39.30 31.52 4.93
N ARG K 42 -38.26 31.67 4.15
CA ARG K 42 -38.39 32.46 2.94
C ARG K 42 -38.46 31.60 1.69
N SER K 43 -37.99 30.36 1.74
CA SER K 43 -38.05 29.49 0.58
C SER K 43 -37.73 28.08 1.06
N PHE K 44 -38.02 27.09 0.22
CA PHE K 44 -37.60 25.74 0.59
C PHE K 44 -37.74 24.81 -0.62
N ASP K 45 -36.90 23.78 -0.67
CA ASP K 45 -36.90 22.79 -1.75
C ASP K 45 -37.01 21.41 -1.10
N SER K 46 -36.76 20.33 -1.86
CA SER K 46 -36.85 18.98 -1.32
C SER K 46 -35.90 18.74 -0.15
N TYR K 47 -34.73 19.36 -0.15
CA TYR K 47 -33.76 19.08 0.88
C TYR K 47 -33.43 20.25 1.81
N THR K 48 -33.80 21.48 1.51
CA THR K 48 -33.34 22.57 2.36
C THR K 48 -34.45 23.57 2.63
N VAL K 49 -34.27 24.27 3.74
CA VAL K 49 -35.12 25.39 4.11
C VAL K 49 -34.22 26.61 4.21
N LEU K 50 -34.70 27.75 3.72
CA LEU K 50 -33.97 29.01 3.85
C LEU K 50 -34.64 29.85 4.94
N LEU K 51 -33.93 30.06 6.03
CA LEU K 51 -34.51 30.71 7.21
C LEU K 51 -33.86 32.08 7.40
N GLU K 52 -34.69 33.11 7.49
CA GLU K 52 -34.27 34.51 7.51
C GLU K 52 -34.61 35.14 8.86
N SER K 53 -33.65 35.81 9.48
CA SER K 53 -33.82 36.41 10.81
C SER K 53 -33.34 37.85 10.74
N GLY K 54 -34.26 38.76 10.44
CA GLY K 54 -33.88 40.09 10.07
C GLY K 54 -33.18 40.01 8.73
N ASN K 55 -31.86 40.16 8.72
CA ASN K 55 -31.07 40.04 7.49
C ASN K 55 -29.93 39.03 7.63
N GLN K 56 -29.90 38.23 8.70
CA GLN K 56 -29.17 36.97 8.71
C GLN K 56 -29.92 35.94 7.86
N GLN K 57 -29.19 35.12 7.14
CA GLN K 57 -29.82 34.01 6.42
C GLN K 57 -29.16 32.69 6.79
N SER K 58 -29.95 31.63 6.72
CA SER K 58 -29.48 30.31 7.06
C SER K 58 -30.11 29.32 6.11
N LEU K 59 -29.26 28.69 5.30
CA LEU K 59 -29.67 27.53 4.52
C LEU K 59 -29.55 26.31 5.43
N ILE K 60 -30.67 25.66 5.68
CA ILE K 60 -30.72 24.57 6.66
C ILE K 60 -31.10 23.32 5.90
N TYR K 61 -30.27 22.29 6.03
CA TYR K 61 -30.60 21.00 5.45
C TYR K 61 -31.70 20.35 6.30
N LYS K 62 -32.72 19.80 5.62
CA LYS K 62 -33.83 19.21 6.33
C LYS K 62 -33.38 18.03 7.19
N HIS K 63 -32.43 17.22 6.69
CA HIS K 63 -31.91 16.12 7.51
C HIS K 63 -31.32 16.58 8.85
N ALA K 64 -31.01 17.88 8.99
CA ALA K 64 -30.51 18.36 10.26
C ALA K 64 -31.62 18.88 11.17
N ILE K 65 -32.82 19.08 10.62
CA ILE K 65 -33.93 19.62 11.40
C ILE K 65 -34.60 18.49 12.16
N SER K 66 -34.94 18.72 13.43
CA SER K 66 -35.79 17.76 14.13
C SER K 66 -37.24 18.21 14.17
N THR K 67 -37.49 19.48 14.55
CA THR K 67 -38.83 19.99 14.80
C THR K 67 -38.96 21.42 14.33
N ILE K 68 -40.11 21.73 13.74
CA ILE K 68 -40.48 23.09 13.36
C ILE K 68 -41.70 23.48 14.18
N ILE K 69 -41.54 24.46 15.08
CA ILE K 69 -42.61 24.90 15.95
C ILE K 69 -43.06 26.31 15.52
N PRO K 70 -44.27 26.47 15.01
CA PRO K 70 -44.75 27.78 14.58
C PRO K 70 -45.25 28.64 15.73
N SER K 71 -45.38 29.95 15.44
CA SER K 71 -45.84 30.98 16.36
C SER K 71 -47.36 31.01 16.50
N SER K 72 -48.06 31.33 15.43
CA SER K 72 -49.51 31.19 15.39
C SER K 72 -49.88 29.79 14.90
N TYR K 73 -51.11 29.40 15.21
CA TYR K 73 -51.65 28.12 14.73
C TYR K 73 -51.73 28.12 13.20
N VAL K 74 -51.54 26.94 12.60
CA VAL K 74 -51.45 26.75 11.15
C VAL K 74 -52.58 25.83 10.73
N MET K 75 -53.66 26.40 10.19
CA MET K 75 -54.81 25.60 9.76
C MET K 75 -54.76 25.42 8.24
N LEU K 76 -54.48 24.19 7.81
CA LEU K 76 -54.43 23.84 6.40
C LEU K 76 -55.83 23.48 5.91
N ASN L 11 -33.57 24.08 -7.92
CA ASN L 11 -34.38 25.01 -7.18
C ASN L 11 -33.53 25.69 -6.12
N LEU L 12 -33.92 25.67 -4.88
CA LEU L 12 -33.18 26.38 -3.91
C LEU L 12 -31.83 26.14 -3.55
N GLN L 13 -31.55 24.91 -3.36
CA GLN L 13 -30.24 24.58 -2.79
C GLN L 13 -29.14 24.90 -3.79
N ASP L 14 -29.38 24.59 -5.05
CA ASP L 14 -28.29 24.76 -5.99
C ASP L 14 -28.23 26.17 -6.55
N ARG L 15 -29.34 26.89 -6.67
CA ARG L 15 -29.23 28.33 -6.91
C ARG L 15 -28.52 29.01 -5.75
N PHE L 16 -28.82 28.61 -4.52
CA PHE L 16 -28.15 29.23 -3.39
C PHE L 16 -26.66 28.90 -3.36
N LEU L 17 -26.30 27.63 -3.60
CA LEU L 17 -24.88 27.30 -3.60
C LEU L 17 -24.19 27.89 -4.83
N ASN L 18 -24.89 27.99 -5.95
CA ASN L 18 -24.26 28.61 -7.10
C ASN L 18 -24.08 30.10 -6.91
N HIS L 19 -24.98 30.75 -6.18
CA HIS L 19 -24.77 32.16 -5.89
C HIS L 19 -23.57 32.37 -4.99
N LEU L 20 -23.44 31.57 -3.93
CA LEU L 20 -22.27 31.71 -3.07
C LEU L 20 -21.00 31.50 -3.84
N ARG L 21 -21.05 30.63 -4.86
CA ARG L 21 -19.84 30.17 -5.52
C ARG L 21 -19.30 31.19 -6.52
N VAL L 22 -20.17 31.84 -7.30
CA VAL L 22 -19.68 32.69 -8.37
C VAL L 22 -19.51 34.13 -7.91
N ASN L 23 -19.84 34.43 -6.66
CA ASN L 23 -19.59 35.72 -6.05
C ASN L 23 -18.61 35.62 -4.90
N LYS L 24 -17.98 34.46 -4.71
CA LYS L 24 -17.00 34.26 -3.64
C LYS L 24 -17.47 34.84 -2.31
N ILE L 25 -18.74 34.67 -1.99
CA ILE L 25 -19.24 35.03 -0.67
C ILE L 25 -18.80 33.95 0.29
N GLU L 26 -18.14 34.37 1.36
CA GLU L 26 -17.68 33.43 2.36
C GLU L 26 -18.87 32.88 3.13
N VAL L 27 -18.73 31.64 3.64
CA VAL L 27 -19.80 30.96 4.37
C VAL L 27 -19.23 30.28 5.60
N LYS L 28 -20.04 30.23 6.64
CA LYS L 28 -19.80 29.30 7.74
C LYS L 28 -20.61 28.04 7.51
N VAL L 29 -19.96 26.90 7.65
CA VAL L 29 -20.59 25.59 7.51
C VAL L 29 -20.70 25.04 8.91
N TYR L 30 -21.90 24.86 9.39
CA TYR L 30 -22.08 24.16 10.66
C TYR L 30 -22.37 22.70 10.37
N LEU L 31 -21.54 21.83 10.94
CA LEU L 31 -21.76 20.39 10.80
C LEU L 31 -22.75 19.90 11.84
N VAL L 32 -23.38 18.76 11.54
CA VAL L 32 -24.33 18.21 12.51
C VAL L 32 -23.66 17.85 13.82
N ASN L 33 -22.43 17.35 13.78
CA ASN L 33 -21.81 17.02 15.06
C ASN L 33 -21.41 18.26 15.87
N GLY L 34 -21.70 19.48 15.41
CA GLY L 34 -21.41 20.68 16.15
C GLY L 34 -20.16 21.45 15.75
N PHE L 35 -19.23 20.83 15.02
CA PHE L 35 -18.06 21.57 14.55
C PHE L 35 -18.46 22.61 13.49
N GLN L 36 -17.61 23.63 13.31
CA GLN L 36 -17.78 24.65 12.28
C GLN L 36 -16.60 24.66 11.30
N THR L 37 -16.79 25.36 10.17
CA THR L 37 -15.73 25.65 9.20
C THR L 37 -16.08 26.96 8.50
N LYS L 38 -15.06 27.69 8.08
CA LYS L 38 -15.23 28.89 7.26
C LYS L 38 -14.54 28.62 5.94
N GLY L 39 -15.04 29.23 4.89
CA GLY L 39 -14.42 29.01 3.60
C GLY L 39 -15.32 29.48 2.48
N PHE L 40 -14.84 29.28 1.29
CA PHE L 40 -15.55 29.63 0.08
C PHE L 40 -15.98 28.35 -0.61
N ILE L 41 -17.16 28.37 -1.21
CA ILE L 41 -17.62 27.21 -1.98
C ILE L 41 -16.91 27.21 -3.33
N ARG L 42 -15.90 26.38 -3.49
CA ARG L 42 -15.27 26.25 -4.80
C ARG L 42 -16.14 25.44 -5.77
N SER L 43 -16.82 24.42 -5.26
CA SER L 43 -17.45 23.43 -6.12
C SER L 43 -18.42 22.60 -5.28
N PHE L 44 -19.41 21.99 -5.94
CA PHE L 44 -20.35 21.10 -5.24
C PHE L 44 -21.11 20.22 -6.23
N ASP L 45 -21.54 19.06 -5.74
CA ASP L 45 -22.31 18.09 -6.51
C ASP L 45 -23.47 17.66 -5.63
N SER L 46 -24.07 16.51 -5.94
CA SER L 46 -25.26 16.10 -5.20
C SER L 46 -24.97 15.75 -3.75
N TYR L 47 -23.80 15.18 -3.46
CA TYR L 47 -23.53 14.73 -2.09
C TYR L 47 -22.41 15.48 -1.37
N THR L 48 -21.66 16.36 -2.04
CA THR L 48 -20.50 16.95 -1.40
C THR L 48 -20.38 18.43 -1.75
N VAL L 49 -19.77 19.18 -0.84
CA VAL L 49 -19.42 20.59 -1.06
C VAL L 49 -17.91 20.69 -0.90
N LEU L 50 -17.23 21.21 -1.92
CA LEU L 50 -15.79 21.45 -1.82
C LEU L 50 -15.56 22.88 -1.36
N LEU L 51 -15.03 23.04 -0.14
CA LEU L 51 -14.85 24.32 0.55
C LEU L 51 -13.36 24.62 0.62
N GLU L 52 -12.94 25.80 0.15
CA GLU L 52 -11.54 26.19 0.20
C GLU L 52 -11.35 27.44 1.06
N SER L 53 -10.17 27.49 1.70
CA SER L 53 -9.74 28.63 2.50
C SER L 53 -8.22 28.65 2.43
N GLY L 54 -7.66 29.73 1.92
CA GLY L 54 -6.25 29.70 1.58
C GLY L 54 -5.99 28.59 0.58
N ASN L 55 -5.02 27.73 0.88
CA ASN L 55 -4.75 26.60 0.02
C ASN L 55 -5.17 25.28 0.67
N GLN L 56 -6.04 25.34 1.67
CA GLN L 56 -6.65 24.15 2.24
C GLN L 56 -8.02 23.90 1.62
N GLN L 57 -8.37 22.61 1.48
CA GLN L 57 -9.66 22.17 0.94
C GLN L 57 -10.30 21.15 1.86
N SER L 58 -11.58 21.34 2.15
CA SER L 58 -12.42 20.34 2.81
C SER L 58 -13.41 19.80 1.78
N LEU L 59 -13.34 18.50 1.49
CA LEU L 59 -14.51 17.87 0.87
C LEU L 59 -15.48 17.51 1.98
N ILE L 60 -16.63 18.20 2.03
CA ILE L 60 -17.63 18.02 3.08
C ILE L 60 -18.83 17.27 2.52
N TYR L 61 -19.27 16.27 3.23
CA TYR L 61 -20.47 15.55 2.81
C TYR L 61 -21.70 16.31 3.26
N LYS L 62 -22.61 16.56 2.32
CA LYS L 62 -23.84 17.27 2.62
C LYS L 62 -24.59 16.61 3.78
N HIS L 63 -24.61 15.27 3.84
CA HIS L 63 -25.33 14.64 4.95
C HIS L 63 -24.74 14.99 6.31
N ALA L 64 -23.56 15.60 6.36
CA ALA L 64 -22.97 16.02 7.63
C ALA L 64 -23.14 17.51 7.90
N ILE L 65 -23.66 18.28 6.94
CA ILE L 65 -23.84 19.72 7.13
C ILE L 65 -25.21 19.96 7.75
N SER L 66 -25.22 20.75 8.82
CA SER L 66 -26.47 21.23 9.38
C SER L 66 -26.94 22.48 8.64
N THR L 67 -26.11 23.52 8.66
CA THR L 67 -26.55 24.80 8.13
C THR L 67 -25.37 25.56 7.55
N ILE L 68 -25.62 26.24 6.43
CA ILE L 68 -24.67 27.12 5.76
C ILE L 68 -25.13 28.56 5.98
N ILE L 69 -24.23 29.40 6.51
CA ILE L 69 -24.57 30.80 6.83
C ILE L 69 -23.65 31.79 6.15
N PRO L 70 -24.10 32.52 5.14
CA PRO L 70 -23.18 33.30 4.31
C PRO L 70 -22.81 34.63 4.96
N SER L 71 -21.69 35.19 4.47
CA SER L 71 -21.20 36.47 4.99
C SER L 71 -22.06 37.63 4.55
N SER L 72 -22.45 37.66 3.29
CA SER L 72 -23.27 38.72 2.75
C SER L 72 -24.75 38.35 2.87
N TYR L 73 -25.56 39.12 2.16
CA TYR L 73 -26.96 38.79 1.97
C TYR L 73 -27.06 38.21 0.57
N VAL L 74 -27.65 37.04 0.47
CA VAL L 74 -27.87 36.40 -0.82
C VAL L 74 -29.25 36.83 -1.28
N MET L 75 -29.31 37.63 -2.34
CA MET L 75 -30.57 37.94 -3.01
C MET L 75 -30.64 37.16 -4.31
N LEU L 76 -31.62 36.27 -4.42
CA LEU L 76 -31.78 35.44 -5.61
C LEU L 76 -32.69 36.08 -6.66
#